data_3BX2
#
_entry.id   3BX2
#
_cell.length_a   65.860
_cell.length_b   136.180
_cell.length_c   158.851
_cell.angle_alpha   90.00
_cell.angle_beta   90.00
_cell.angle_gamma   90.00
#
_symmetry.space_group_name_H-M   'P 21 21 21'
#
loop_
_entity.id
_entity.type
_entity.pdbx_description
1 polymer "HO endonuclease 3' UTR binding sequence"
2 polymer 'Protein PUF4'
3 non-polymer 'SULFATE ION'
4 non-polymer 'SODIUM ION'
5 water water
#
loop_
_entity_poly.entity_id
_entity_poly.type
_entity_poly.pdbx_seq_one_letter_code
_entity_poly.pdbx_strand_id
1 'polyribonucleotide' UGUAUAUUA C,D
2 'polypeptide(L)'
;SRFADAVLDQYIGSIHSLCKDQHGCRFLQKQLDILGSKAADAIFEETKDYTVELMTDSFGNYLIQKLLEEVTTEQRIVLT
KISSPHFVEISLNPHGTRALQKLIECIKTDEEAQIVVDSLRPYTVQLSKDLNGNHVIQKCLQRLKPENFQFIFDAISDSC
IDIATHRHGCCVLQRCLDHGTTEQCDNLCDKLLALVDKLTLDPFGNYVVQYIITKEAEKNKYDYTHKIVHLLKPRAIELS
IHKFGSNVIEKILKTAIVSEPMILEILNNGGETGIQSLLNDSYGNYVLQTALDISHKQNDYLYKRLSEIVAPLLVGPIRN
TPHGKRIIGMLHLDS
;
A,B
#
# COMPACT_ATOMS: atom_id res chain seq x y z
N VAL C 7 -44.84 6.79 9.02
CA VAL C 7 -44.57 8.09 8.40
C VAL C 7 -44.27 9.12 9.49
N LEU C 8 -44.00 8.63 10.69
CA LEU C 8 -43.97 9.46 11.89
C LEU C 8 -42.55 9.87 12.27
N ASP C 9 -42.12 11.01 11.75
CA ASP C 9 -40.78 11.51 12.01
C ASP C 9 -40.78 12.86 12.70
N GLN C 10 -40.43 12.82 13.97
CA GLN C 10 -40.31 14.01 14.80
C GLN C 10 -38.86 14.47 14.74
N TYR C 11 -37.98 13.56 14.40
CA TYR C 11 -36.54 13.78 14.43
C TYR C 11 -35.98 14.20 13.07
N ILE C 12 -36.78 14.01 12.02
CA ILE C 12 -36.43 14.50 10.70
C ILE C 12 -35.83 15.90 10.81
N GLY C 13 -35.00 16.26 9.84
CA GLY C 13 -34.43 17.59 9.78
C GLY C 13 -33.21 17.73 10.65
N SER C 14 -33.11 16.92 11.70
CA SER C 14 -31.96 16.97 12.59
C SER C 14 -31.40 15.58 12.86
N ILE C 15 -31.44 14.72 11.84
CA ILE C 15 -30.86 13.38 11.93
C ILE C 15 -29.35 13.43 12.16
N HIS C 16 -28.67 14.36 11.51
CA HIS C 16 -27.21 14.43 11.60
C HIS C 16 -26.66 14.69 13.00
N SER C 17 -27.37 15.47 13.80
CA SER C 17 -26.93 15.74 15.16
C SER C 17 -27.09 14.51 16.05
N LEU C 18 -28.02 13.65 15.71
CA LEU C 18 -28.24 12.41 16.44
C LEU C 18 -27.08 11.43 16.31
N CYS C 19 -26.07 11.82 15.54
CA CYS C 19 -24.96 10.94 15.25
C CYS C 19 -23.79 11.18 16.20
N LYS C 20 -23.79 12.34 16.85
CA LYS C 20 -22.72 12.72 17.75
C LYS C 20 -22.50 11.73 18.91
N ASP C 21 -23.57 11.05 19.33
CA ASP C 21 -23.51 10.14 20.47
C ASP C 21 -23.72 8.72 20.03
N GLN C 22 -23.09 7.78 20.73
CA GLN C 22 -23.31 6.36 20.51
C GLN C 22 -24.80 6.02 20.59
N HIS C 23 -25.48 6.67 21.53
CA HIS C 23 -26.86 6.37 21.79
C HIS C 23 -27.75 7.04 20.74
N GLY C 24 -27.16 7.95 19.99
CA GLY C 24 -27.85 8.59 18.89
C GLY C 24 -27.84 7.73 17.63
N CYS C 25 -26.70 7.09 17.40
CA CYS C 25 -26.52 6.23 16.23
C CYS C 25 -27.27 4.92 16.41
N ARG C 26 -27.22 4.38 17.63
CA ARG C 26 -27.95 3.16 17.95
C ARG C 26 -29.42 3.36 17.60
N PHE C 27 -29.90 4.57 17.89
CA PHE C 27 -31.30 4.93 17.67
C PHE C 27 -31.68 4.94 16.21
N LEU C 28 -30.90 5.68 15.41
CA LEU C 28 -31.12 5.75 13.96
C LEU C 28 -31.16 4.37 13.32
N GLN C 29 -30.45 3.41 13.90
CA GLN C 29 -30.42 2.05 13.36
C GLN C 29 -31.68 1.29 13.73
N LYS C 30 -32.16 1.46 14.95
CA LYS C 30 -33.45 0.88 15.32
C LYS C 30 -34.49 1.50 14.39
N GLN C 31 -34.30 2.78 14.08
CA GLN C 31 -35.16 3.48 13.13
C GLN C 31 -35.15 2.84 11.74
N LEU C 32 -33.96 2.57 11.22
CA LEU C 32 -33.81 1.92 9.92
C LEU C 32 -34.37 0.52 9.99
N ASP C 33 -34.15 -0.11 11.14
CA ASP C 33 -34.56 -1.49 11.33
C ASP C 33 -36.07 -1.62 11.18
N ILE C 34 -36.81 -0.70 11.80
CA ILE C 34 -38.27 -0.78 11.80
C ILE C 34 -38.97 0.00 10.68
N LEU C 35 -38.29 0.99 10.08
CA LEU C 35 -39.01 1.88 9.15
C LEU C 35 -39.39 1.39 7.75
N GLY C 36 -38.46 1.10 6.82
CA GLY C 36 -37.05 1.38 6.83
C GLY C 36 -36.64 1.95 5.46
N SER C 37 -37.59 1.98 4.52
CA SER C 37 -37.36 2.56 3.19
C SER C 37 -37.37 4.08 3.20
N LYS C 38 -38.53 4.66 3.52
CA LYS C 38 -38.70 6.11 3.55
C LYS C 38 -37.66 6.70 4.51
N ALA C 39 -37.34 5.91 5.54
CA ALA C 39 -36.39 6.30 6.57
C ALA C 39 -34.95 6.28 6.07
N ALA C 40 -34.75 5.69 4.89
CA ALA C 40 -33.44 5.67 4.27
C ALA C 40 -33.27 6.88 3.34
N ASP C 41 -34.24 7.13 2.45
CA ASP C 41 -34.22 8.33 1.66
C ASP C 41 -33.96 9.53 2.55
N ALA C 42 -34.44 9.42 3.78
CA ALA C 42 -34.34 10.49 4.76
C ALA C 42 -32.91 10.64 5.21
N ILE C 43 -32.51 9.70 6.07
CA ILE C 43 -31.17 9.65 6.64
C ILE C 43 -30.08 9.74 5.56
N PHE C 44 -30.26 9.02 4.46
CA PHE C 44 -29.38 9.17 3.33
C PHE C 44 -29.17 10.65 3.04
N GLU C 45 -30.21 11.30 2.55
CA GLU C 45 -30.09 12.66 2.01
C GLU C 45 -29.49 13.66 3.01
N GLU C 46 -29.61 13.36 4.30
CA GLU C 46 -29.09 14.27 5.32
C GLU C 46 -27.65 13.97 5.72
N THR C 47 -27.25 12.71 5.52
CA THR C 47 -25.95 12.26 5.98
C THR C 47 -24.90 12.06 4.88
N LYS C 48 -25.35 11.76 3.67
CA LYS C 48 -24.45 11.50 2.55
C LYS C 48 -23.22 12.41 2.55
N ASP C 49 -23.45 13.69 2.76
CA ASP C 49 -22.37 14.69 2.75
C ASP C 49 -21.27 14.44 3.78
N TYR C 50 -21.53 13.58 4.75
CA TYR C 50 -20.54 13.26 5.77
C TYR C 50 -20.25 11.76 5.85
N THR C 51 -20.45 11.05 4.74
CA THR C 51 -20.26 9.59 4.77
C THR C 51 -18.83 9.18 5.11
N VAL C 52 -17.82 9.83 4.52
CA VAL C 52 -16.47 9.40 4.83
C VAL C 52 -16.09 9.79 6.23
N GLU C 53 -16.77 10.79 6.77
CA GLU C 53 -16.58 11.17 8.16
C GLU C 53 -17.29 10.17 9.07
N LEU C 54 -18.49 9.75 8.69
CA LEU C 54 -19.27 8.84 9.52
C LEU C 54 -18.70 7.43 9.45
N MET C 55 -18.07 7.12 8.31
CA MET C 55 -17.46 5.82 8.11
C MET C 55 -16.30 5.62 9.08
N THR C 56 -15.50 6.66 9.28
CA THR C 56 -14.34 6.55 10.18
C THR C 56 -14.64 6.91 11.64
N ASP C 57 -15.93 7.04 11.98
CA ASP C 57 -16.34 7.42 13.34
C ASP C 57 -16.78 6.21 14.16
N SER C 58 -16.65 6.32 15.48
CA SER C 58 -16.93 5.21 16.41
C SER C 58 -18.34 4.62 16.35
N PHE C 59 -19.32 5.45 16.00
CA PHE C 59 -20.72 5.04 15.99
C PHE C 59 -21.34 5.26 14.62
N GLY C 60 -20.98 6.36 13.97
CA GLY C 60 -21.49 6.66 12.65
C GLY C 60 -21.42 5.38 11.83
N ASN C 61 -20.20 4.86 11.71
CA ASN C 61 -19.93 3.71 10.86
C ASN C 61 -20.96 2.59 10.98
N TYR C 62 -21.51 2.42 12.17
CA TYR C 62 -22.59 1.46 12.37
C TYR C 62 -23.83 1.90 11.63
N LEU C 63 -24.13 3.18 11.68
CA LEU C 63 -25.25 3.72 10.93
C LEU C 63 -25.00 3.43 9.46
N ILE C 64 -23.83 3.85 8.98
CA ILE C 64 -23.44 3.65 7.58
C ILE C 64 -23.64 2.19 7.17
N GLN C 65 -23.31 1.29 8.07
CA GLN C 65 -23.49 -0.14 7.81
C GLN C 65 -24.96 -0.53 7.74
N LYS C 66 -25.79 0.07 8.57
CA LYS C 66 -27.22 -0.17 8.46
C LYS C 66 -27.72 0.54 7.21
N LEU C 67 -27.24 1.75 7.00
CA LEU C 67 -27.66 2.58 5.88
C LEU C 67 -27.42 1.87 4.55
N LEU C 68 -26.37 1.05 4.47
CA LEU C 68 -26.02 0.36 3.24
C LEU C 68 -26.91 -0.84 2.96
N GLU C 69 -27.32 -1.54 4.02
CA GLU C 69 -28.26 -2.64 3.88
C GLU C 69 -29.64 -2.15 3.44
N GLU C 70 -29.98 -0.92 3.81
CA GLU C 70 -31.34 -0.45 3.68
C GLU C 70 -31.55 0.40 2.42
N VAL C 71 -30.45 1.01 1.99
CA VAL C 71 -30.46 1.96 0.89
C VAL C 71 -30.69 1.28 -0.46
N THR C 72 -31.06 2.07 -1.46
CA THR C 72 -31.29 1.56 -2.80
C THR C 72 -29.97 1.45 -3.56
N THR C 73 -30.01 0.84 -4.75
CA THR C 73 -28.82 0.75 -5.56
C THR C 73 -28.26 2.14 -5.89
N GLU C 74 -29.09 3.03 -6.40
CA GLU C 74 -28.64 4.35 -6.82
C GLU C 74 -28.01 5.09 -5.68
N GLN C 75 -28.60 4.94 -4.50
CA GLN C 75 -28.06 5.58 -3.32
C GLN C 75 -26.69 4.98 -2.92
N ARG C 76 -26.53 3.67 -3.10
CA ARG C 76 -25.24 3.03 -2.83
C ARG C 76 -24.17 3.50 -3.81
N ILE C 77 -24.53 3.66 -5.07
CA ILE C 77 -23.59 4.11 -6.08
C ILE C 77 -23.12 5.52 -5.75
N VAL C 78 -23.99 6.30 -5.14
CA VAL C 78 -23.63 7.63 -4.76
C VAL C 78 -22.73 7.55 -3.53
N LEU C 79 -23.12 6.77 -2.53
CA LEU C 79 -22.27 6.59 -1.35
C LEU C 79 -20.88 6.08 -1.71
N THR C 80 -20.85 5.14 -2.66
CA THR C 80 -19.60 4.58 -3.16
C THR C 80 -18.78 5.63 -3.90
N LYS C 81 -19.44 6.45 -4.71
CA LYS C 81 -18.73 7.49 -5.45
C LYS C 81 -18.18 8.55 -4.50
N ILE C 82 -18.92 8.79 -3.43
CA ILE C 82 -18.54 9.80 -2.45
C ILE C 82 -17.38 9.33 -1.60
N SER C 83 -17.28 8.03 -1.39
CA SER C 83 -16.22 7.47 -0.55
C SER C 83 -14.94 7.04 -1.28
N SER C 84 -15.03 6.68 -2.55
CA SER C 84 -13.87 6.15 -3.27
C SER C 84 -12.62 7.02 -3.19
N PRO C 85 -12.75 8.35 -3.30
CA PRO C 85 -11.55 9.14 -3.09
C PRO C 85 -10.94 8.98 -1.70
N HIS C 86 -11.58 8.24 -0.80
CA HIS C 86 -11.13 8.19 0.59
C HIS C 86 -10.98 6.78 1.13
N PHE C 87 -10.90 5.80 0.22
CA PHE C 87 -10.80 4.40 0.60
C PHE C 87 -9.56 4.07 1.43
N VAL C 88 -8.42 4.66 1.09
CA VAL C 88 -7.20 4.36 1.84
C VAL C 88 -7.29 4.81 3.30
N GLU C 89 -7.69 6.04 3.51
CA GLU C 89 -7.80 6.55 4.87
C GLU C 89 -8.95 5.87 5.59
N ILE C 90 -9.99 5.53 4.84
CA ILE C 90 -11.10 4.78 5.41
C ILE C 90 -10.65 3.39 5.85
N SER C 91 -9.82 2.76 5.01
CA SER C 91 -9.40 1.37 5.23
C SER C 91 -8.46 1.19 6.41
N LEU C 92 -7.55 2.15 6.62
CA LEU C 92 -6.56 2.08 7.70
C LEU C 92 -7.20 2.38 9.03
N ASN C 93 -8.46 2.77 8.97
CA ASN C 93 -9.22 3.08 10.18
C ASN C 93 -9.97 1.86 10.69
N PRO C 94 -9.96 1.67 12.02
CA PRO C 94 -10.64 0.60 12.77
C PRO C 94 -12.16 0.58 12.56
N HIS C 95 -12.76 1.76 12.44
CA HIS C 95 -14.18 1.87 12.21
C HIS C 95 -14.45 1.88 10.73
N GLY C 96 -13.60 2.58 9.99
CA GLY C 96 -13.78 2.76 8.57
C GLY C 96 -13.71 1.44 7.84
N THR C 97 -12.85 0.56 8.31
CA THR C 97 -12.64 -0.73 7.65
C THR C 97 -13.90 -1.55 7.70
N ARG C 98 -14.60 -1.43 8.81
CA ARG C 98 -15.88 -2.11 9.02
C ARG C 98 -16.98 -1.63 8.07
N ALA C 99 -17.11 -0.31 7.93
CA ALA C 99 -18.08 0.26 7.01
C ALA C 99 -17.75 -0.16 5.57
N LEU C 100 -16.50 0.01 5.16
CA LEU C 100 -16.11 -0.28 3.79
C LEU C 100 -16.34 -1.75 3.46
N GLN C 101 -15.98 -2.63 4.39
CA GLN C 101 -16.24 -4.07 4.22
C GLN C 101 -17.73 -4.30 3.94
N LYS C 102 -18.56 -3.65 4.74
CA LYS C 102 -20.01 -3.77 4.60
C LYS C 102 -20.41 -3.31 3.20
N LEU C 103 -19.93 -2.14 2.79
CA LEU C 103 -20.24 -1.60 1.46
C LEU C 103 -19.98 -2.64 0.37
N ILE C 104 -18.80 -3.25 0.44
CA ILE C 104 -18.44 -4.34 -0.47
C ILE C 104 -19.40 -5.54 -0.39
N GLU C 105 -19.83 -5.89 0.81
CA GLU C 105 -20.82 -6.94 0.97
C GLU C 105 -22.14 -6.57 0.32
N CYS C 106 -22.43 -5.28 0.23
CA CYS C 106 -23.75 -4.85 -0.22
C CYS C 106 -23.87 -4.57 -1.72
N ILE C 107 -22.74 -4.36 -2.41
CA ILE C 107 -22.79 -3.97 -3.82
C ILE C 107 -23.27 -5.09 -4.73
N LYS C 108 -24.13 -4.74 -5.68
CA LYS C 108 -24.82 -5.70 -6.53
C LYS C 108 -24.47 -5.57 -8.02
N THR C 109 -24.08 -4.36 -8.44
CA THR C 109 -23.81 -4.10 -9.85
C THR C 109 -22.32 -4.15 -10.19
N ASP C 110 -22.03 -4.11 -11.48
CA ASP C 110 -20.64 -4.13 -11.96
C ASP C 110 -20.00 -2.75 -11.88
N GLU C 111 -20.82 -1.71 -11.97
CA GLU C 111 -20.33 -0.35 -11.83
C GLU C 111 -19.75 -0.21 -10.43
N GLU C 112 -20.45 -0.78 -9.46
CA GLU C 112 -20.02 -0.72 -8.07
C GLU C 112 -18.69 -1.44 -7.85
N ALA C 113 -18.62 -2.70 -8.29
CA ALA C 113 -17.39 -3.46 -8.23
C ALA C 113 -16.31 -2.78 -9.05
N GLN C 114 -16.67 -2.25 -10.20
CA GLN C 114 -15.70 -1.53 -10.99
C GLN C 114 -15.06 -0.35 -10.22
N ILE C 115 -15.90 0.54 -9.71
CA ILE C 115 -15.41 1.65 -8.92
C ILE C 115 -14.52 1.20 -7.76
N VAL C 116 -14.97 0.19 -7.02
CA VAL C 116 -14.20 -0.26 -5.87
C VAL C 116 -12.81 -0.80 -6.27
N VAL C 117 -12.75 -1.74 -7.21
CA VAL C 117 -11.44 -2.25 -7.60
C VAL C 117 -10.59 -1.14 -8.17
N ASP C 118 -11.18 -0.27 -8.99
CA ASP C 118 -10.43 0.84 -9.56
C ASP C 118 -9.75 1.68 -8.49
N SER C 119 -10.47 1.99 -7.43
CA SER C 119 -9.95 2.82 -6.35
C SER C 119 -8.86 2.11 -5.56
N LEU C 120 -9.06 0.80 -5.31
CA LEU C 120 -8.23 0.07 -4.36
C LEU C 120 -6.98 -0.44 -5.03
N ARG C 121 -7.07 -0.63 -6.34
CA ARG C 121 -5.96 -1.18 -7.12
C ARG C 121 -4.58 -0.70 -6.69
N PRO C 122 -4.31 0.61 -6.80
CA PRO C 122 -2.94 1.12 -6.62
C PRO C 122 -2.39 0.84 -5.24
N TYR C 123 -3.27 0.52 -4.31
CA TYR C 123 -2.93 0.47 -2.89
C TYR C 123 -3.03 -0.93 -2.30
N THR C 124 -3.20 -1.93 -3.17
CA THR C 124 -3.44 -3.30 -2.72
C THR C 124 -2.39 -3.81 -1.74
N VAL C 125 -1.14 -3.81 -2.18
CA VAL C 125 -0.03 -4.28 -1.35
C VAL C 125 0.05 -3.51 -0.05
N GLN C 126 -0.22 -2.22 -0.10
CA GLN C 126 -0.19 -1.39 1.11
C GLN C 126 -1.30 -1.76 2.10
N LEU C 127 -2.54 -1.80 1.61
CA LEU C 127 -3.67 -2.17 2.45
C LEU C 127 -3.52 -3.59 2.96
N SER C 128 -2.80 -4.41 2.19
CA SER C 128 -2.65 -5.83 2.52
C SER C 128 -1.66 -6.06 3.66
N LYS C 129 -0.80 -5.09 3.89
CA LYS C 129 0.07 -5.09 5.06
C LYS C 129 -0.53 -4.38 6.30
N ASP C 130 -1.74 -3.86 6.20
CA ASP C 130 -2.32 -3.06 7.28
C ASP C 130 -3.26 -3.83 8.21
N LEU C 131 -3.15 -3.53 9.50
CA LEU C 131 -4.00 -4.13 10.51
C LEU C 131 -5.50 -4.12 10.14
N ASN C 132 -6.03 -2.94 9.83
CA ASN C 132 -7.46 -2.81 9.51
C ASN C 132 -7.73 -2.95 8.02
N GLY C 133 -6.76 -2.49 7.22
CA GLY C 133 -6.86 -2.45 5.78
C GLY C 133 -6.99 -3.81 5.13
N ASN C 134 -6.13 -4.74 5.53
CA ASN C 134 -6.12 -6.08 4.98
C ASN C 134 -7.52 -6.75 4.94
N HIS C 135 -8.41 -6.34 5.82
CA HIS C 135 -9.74 -6.94 5.83
C HIS C 135 -10.66 -6.39 4.73
N VAL C 136 -10.29 -5.25 4.16
CA VAL C 136 -10.98 -4.74 2.99
C VAL C 136 -10.58 -5.57 1.78
N ILE C 137 -9.29 -5.76 1.62
CA ILE C 137 -8.76 -6.61 0.56
C ILE C 137 -9.33 -8.02 0.62
N GLN C 138 -9.45 -8.58 1.82
CA GLN C 138 -9.99 -9.94 1.99
C GLN C 138 -11.47 -10.03 1.60
N LYS C 139 -12.21 -8.97 1.87
CA LYS C 139 -13.63 -8.94 1.56
C LYS C 139 -13.84 -8.79 0.05
N CYS C 140 -12.90 -8.15 -0.63
CA CYS C 140 -12.94 -8.12 -2.09
C CYS C 140 -12.86 -9.51 -2.64
N LEU C 141 -11.96 -10.30 -2.05
CA LEU C 141 -11.72 -11.66 -2.50
C LEU C 141 -12.91 -12.54 -2.21
N GLN C 142 -13.58 -12.24 -1.10
CA GLN C 142 -14.63 -13.08 -0.58
C GLN C 142 -15.99 -12.80 -1.23
N ARG C 143 -16.20 -11.57 -1.71
CA ARG C 143 -17.52 -11.16 -2.22
C ARG C 143 -17.59 -10.90 -3.72
N LEU C 144 -16.50 -10.44 -4.32
CA LEU C 144 -16.49 -10.12 -5.74
C LEU C 144 -16.26 -11.30 -6.67
N LYS C 145 -16.69 -11.15 -7.92
CA LYS C 145 -16.34 -12.09 -8.98
C LYS C 145 -14.83 -12.05 -9.25
N PRO C 146 -14.23 -13.21 -9.55
CA PRO C 146 -12.80 -13.32 -9.85
C PRO C 146 -12.39 -12.38 -10.98
N GLU C 147 -13.26 -12.26 -11.98
CA GLU C 147 -13.07 -11.30 -13.05
C GLU C 147 -12.72 -9.95 -12.44
N ASN C 148 -13.46 -9.56 -11.42
CA ASN C 148 -13.29 -8.26 -10.76
C ASN C 148 -12.03 -8.17 -9.91
N PHE C 149 -11.86 -9.09 -8.96
CA PHE C 149 -10.69 -9.01 -8.09
C PHE C 149 -9.38 -9.44 -8.72
N GLN C 150 -9.38 -9.56 -10.04
CA GLN C 150 -8.16 -9.87 -10.75
C GLN C 150 -7.04 -8.93 -10.33
N PHE C 151 -7.39 -7.66 -10.09
CA PHE C 151 -6.43 -6.64 -9.64
C PHE C 151 -5.64 -7.03 -8.39
N ILE C 152 -6.32 -7.60 -7.40
CA ILE C 152 -5.69 -8.01 -6.15
C ILE C 152 -4.65 -9.09 -6.40
N PHE C 153 -5.06 -10.11 -7.14
CA PHE C 153 -4.15 -11.20 -7.48
C PHE C 153 -2.92 -10.66 -8.19
N ASP C 154 -3.12 -9.78 -9.16
CA ASP C 154 -1.98 -9.22 -9.85
C ASP C 154 -1.05 -8.53 -8.87
N ALA C 155 -1.61 -7.63 -8.07
CA ALA C 155 -0.84 -6.83 -7.14
C ALA C 155 -0.05 -7.68 -6.15
N ILE C 156 -0.67 -8.78 -5.72
CA ILE C 156 -0.18 -9.61 -4.63
C ILE C 156 0.79 -10.64 -5.15
N SER C 157 0.50 -11.14 -6.34
CA SER C 157 1.43 -12.01 -7.01
C SER C 157 2.81 -11.34 -7.17
N ASP C 158 2.83 -10.04 -7.41
CA ASP C 158 4.10 -9.35 -7.63
C ASP C 158 4.89 -9.07 -6.37
N SER C 159 4.18 -8.70 -5.30
CA SER C 159 4.79 -8.50 -4.00
C SER C 159 4.49 -9.73 -3.19
N CYS C 160 4.83 -10.86 -3.80
CA CYS C 160 4.43 -12.17 -3.35
C CYS C 160 5.13 -12.52 -2.07
N ILE C 161 6.45 -12.41 -2.09
CA ILE C 161 7.22 -12.78 -0.93
C ILE C 161 7.03 -11.76 0.19
N ASP C 162 6.97 -10.49 -0.18
CA ASP C 162 6.71 -9.44 0.79
C ASP C 162 5.43 -9.72 1.57
N ILE C 163 4.39 -10.12 0.85
CA ILE C 163 3.11 -10.34 1.50
C ILE C 163 3.13 -11.65 2.28
N ALA C 164 3.64 -12.70 1.66
CA ALA C 164 3.69 -14.00 2.32
C ALA C 164 4.49 -14.00 3.63
N THR C 165 5.44 -13.09 3.76
CA THR C 165 6.28 -13.05 4.94
C THR C 165 5.87 -11.95 5.92
N HIS C 166 4.66 -11.41 5.72
CA HIS C 166 4.14 -10.33 6.56
C HIS C 166 3.06 -10.84 7.52
N ARG C 167 3.04 -10.33 8.75
CA ARG C 167 2.01 -10.70 9.75
C ARG C 167 0.58 -10.71 9.20
N HIS C 168 0.25 -9.72 8.35
CA HIS C 168 -1.09 -9.59 7.79
C HIS C 168 -1.17 -10.01 6.34
N GLY C 169 -0.13 -9.67 5.57
CA GLY C 169 -0.07 -10.06 4.18
C GLY C 169 -0.42 -11.52 4.04
N CYS C 170 0.20 -12.36 4.87
CA CYS C 170 0.00 -13.80 4.79
C CYS C 170 -1.48 -14.22 4.90
N CYS C 171 -2.31 -13.41 5.55
CA CYS C 171 -3.72 -13.78 5.70
C CYS C 171 -4.48 -13.54 4.41
N VAL C 172 -4.00 -12.56 3.63
CA VAL C 172 -4.62 -12.23 2.36
C VAL C 172 -4.31 -13.31 1.33
N LEU C 173 -3.07 -13.78 1.33
CA LEU C 173 -2.72 -14.92 0.48
C LEU C 173 -3.64 -16.10 0.77
N GLN C 174 -3.87 -16.37 2.04
CA GLN C 174 -4.79 -17.42 2.42
C GLN C 174 -6.21 -17.21 1.85
N ARG C 175 -6.70 -15.98 1.80
CA ARG C 175 -7.98 -15.72 1.11
C ARG C 175 -7.89 -15.91 -0.40
N CYS C 176 -6.79 -15.45 -1.00
CA CYS C 176 -6.55 -15.70 -2.42
C CYS C 176 -6.70 -17.18 -2.77
N LEU C 177 -6.06 -18.03 -1.97
CA LEU C 177 -6.16 -19.47 -2.18
C LEU C 177 -7.58 -19.96 -1.95
N ASP C 178 -8.32 -19.29 -1.08
CA ASP C 178 -9.68 -19.69 -0.78
C ASP C 178 -10.62 -19.43 -1.95
N HIS C 179 -10.47 -18.28 -2.60
CA HIS C 179 -11.50 -17.80 -3.50
C HIS C 179 -11.11 -17.65 -4.96
N GLY C 180 -9.83 -17.78 -5.28
CA GLY C 180 -9.39 -17.53 -6.64
C GLY C 180 -9.57 -18.67 -7.64
N THR C 181 -9.57 -18.32 -8.91
CA THR C 181 -9.58 -19.31 -9.98
C THR C 181 -8.36 -20.21 -9.91
N THR C 182 -8.48 -21.41 -10.48
CA THR C 182 -7.34 -22.31 -10.66
C THR C 182 -6.22 -21.60 -11.39
N GLU C 183 -6.58 -20.82 -12.40
CA GLU C 183 -5.61 -20.10 -13.20
C GLU C 183 -4.88 -19.09 -12.34
N GLN C 184 -5.65 -18.44 -11.46
CA GLN C 184 -5.13 -17.41 -10.60
C GLN C 184 -4.22 -18.00 -9.51
N CYS C 185 -4.68 -19.05 -8.86
CA CYS C 185 -3.94 -19.69 -7.78
C CYS C 185 -2.65 -20.31 -8.31
N ASP C 186 -2.72 -20.87 -9.49
CA ASP C 186 -1.59 -21.63 -10.01
C ASP C 186 -0.49 -20.65 -10.27
N ASN C 187 -0.87 -19.47 -10.73
CA ASN C 187 0.10 -18.43 -10.96
C ASN C 187 0.70 -17.89 -9.67
N LEU C 188 -0.16 -17.73 -8.67
CA LEU C 188 0.26 -17.29 -7.34
C LEU C 188 1.21 -18.33 -6.78
N CYS C 189 0.84 -19.61 -6.92
CA CYS C 189 1.59 -20.69 -6.31
C CYS C 189 2.91 -20.94 -7.03
N ASP C 190 2.87 -20.84 -8.36
CA ASP C 190 4.11 -20.96 -9.12
C ASP C 190 5.14 -20.01 -8.54
N LYS C 191 4.73 -18.78 -8.22
CA LYS C 191 5.64 -17.82 -7.59
C LYS C 191 6.00 -18.21 -6.16
N LEU C 192 5.00 -18.59 -5.36
CA LEU C 192 5.26 -19.01 -3.98
C LEU C 192 6.30 -20.10 -3.94
N LEU C 193 6.21 -21.00 -4.90
CA LEU C 193 7.05 -22.20 -4.90
C LEU C 193 8.53 -21.86 -5.15
N ALA C 194 8.76 -20.76 -5.86
CA ALA C 194 10.11 -20.30 -6.13
C ALA C 194 10.87 -19.89 -4.85
N LEU C 195 10.18 -19.77 -3.72
CA LEU C 195 10.86 -19.55 -2.44
C LEU C 195 10.20 -20.33 -1.31
N VAL C 196 9.91 -21.59 -1.58
CA VAL C 196 9.27 -22.43 -0.60
C VAL C 196 10.28 -22.67 0.53
N ASP C 197 11.56 -22.64 0.18
CA ASP C 197 12.61 -22.79 1.18
C ASP C 197 12.54 -21.66 2.19
N LYS C 198 12.63 -20.44 1.68
CA LYS C 198 12.59 -19.25 2.51
C LYS C 198 11.24 -19.01 3.19
N LEU C 199 10.15 -19.40 2.54
CA LEU C 199 8.84 -19.25 3.14
C LEU C 199 8.65 -20.26 4.28
N THR C 200 9.24 -21.43 4.09
CA THR C 200 9.11 -22.51 5.06
C THR C 200 9.75 -22.14 6.40
N LEU C 201 10.89 -21.43 6.35
CA LEU C 201 11.64 -21.03 7.54
C LEU C 201 11.14 -19.72 8.13
N ASP C 202 10.06 -19.19 7.56
CA ASP C 202 9.58 -17.87 7.93
C ASP C 202 8.45 -17.91 8.94
N PRO C 203 8.49 -16.98 9.90
CA PRO C 203 7.47 -16.86 10.94
C PRO C 203 6.05 -16.86 10.38
N PHE C 204 5.87 -16.36 9.17
CA PHE C 204 4.53 -16.29 8.57
C PHE C 204 4.40 -17.11 7.29
N GLY C 205 5.45 -17.07 6.47
CA GLY C 205 5.51 -17.82 5.24
C GLY C 205 5.24 -19.30 5.44
N ASN C 206 5.73 -19.87 6.54
CA ASN C 206 5.50 -21.28 6.77
C ASN C 206 4.01 -21.58 6.80
N TYR C 207 3.22 -20.59 7.21
CA TYR C 207 1.78 -20.77 7.29
C TYR C 207 1.17 -20.85 5.89
N VAL C 208 1.74 -20.09 4.96
CA VAL C 208 1.28 -20.09 3.58
C VAL C 208 1.59 -21.43 2.92
N VAL C 209 2.79 -21.95 3.19
CA VAL C 209 3.20 -23.23 2.67
C VAL C 209 2.22 -24.30 3.14
N GLN C 210 1.93 -24.30 4.44
CA GLN C 210 1.01 -25.28 4.98
C GLN C 210 -0.39 -25.17 4.36
N TYR C 211 -0.82 -23.94 4.12
CA TYR C 211 -2.14 -23.74 3.55
C TYR C 211 -2.29 -24.33 2.15
N ILE C 212 -1.32 -24.08 1.25
CA ILE C 212 -1.36 -24.72 -0.07
C ILE C 212 -1.65 -26.22 0.06
N ILE C 213 -0.91 -26.89 0.95
CA ILE C 213 -1.17 -28.29 1.24
C ILE C 213 -2.59 -28.52 1.79
N THR C 214 -3.05 -27.65 2.68
CA THR C 214 -4.35 -27.85 3.32
C THR C 214 -5.48 -27.87 2.29
N LYS C 215 -5.41 -26.95 1.34
CA LYS C 215 -6.51 -26.76 0.42
C LYS C 215 -6.58 -27.85 -0.65
N GLU C 216 -5.43 -28.36 -1.06
CA GLU C 216 -5.36 -29.47 -2.00
C GLU C 216 -5.90 -30.71 -1.31
N ALA C 217 -5.49 -30.92 -0.07
CA ALA C 217 -6.00 -32.06 0.68
C ALA C 217 -7.52 -31.92 0.81
N GLU C 218 -7.97 -30.68 0.92
CA GLU C 218 -9.41 -30.37 1.02
C GLU C 218 -10.13 -30.86 -0.23
N LYS C 219 -9.58 -30.51 -1.39
CA LYS C 219 -10.17 -30.86 -2.68
C LYS C 219 -9.85 -32.28 -3.14
N ASN C 220 -8.89 -32.91 -2.45
CA ASN C 220 -8.42 -34.24 -2.82
C ASN C 220 -7.73 -34.27 -4.18
N LYS C 221 -7.15 -33.13 -4.54
CA LYS C 221 -6.46 -32.95 -5.80
C LYS C 221 -5.12 -32.25 -5.57
N TYR C 222 -4.02 -32.97 -5.84
CA TYR C 222 -2.69 -32.57 -5.38
C TYR C 222 -1.72 -32.20 -6.50
N ASP C 223 -1.23 -30.96 -6.45
CA ASP C 223 -0.33 -30.45 -7.47
C ASP C 223 0.91 -29.88 -6.78
N TYR C 224 0.77 -28.73 -6.13
CA TYR C 224 1.91 -28.13 -5.43
C TYR C 224 2.27 -28.85 -4.14
N THR C 225 1.36 -29.65 -3.60
CA THR C 225 1.73 -30.44 -2.45
C THR C 225 2.94 -31.30 -2.78
N HIS C 226 2.95 -31.86 -3.98
CA HIS C 226 4.04 -32.71 -4.43
C HIS C 226 5.27 -31.90 -4.78
N LYS C 227 5.04 -30.72 -5.36
CA LYS C 227 6.14 -29.85 -5.75
C LYS C 227 6.85 -29.34 -4.48
N ILE C 228 6.08 -29.03 -3.45
CA ILE C 228 6.65 -28.65 -2.17
C ILE C 228 7.47 -29.80 -1.58
N VAL C 229 6.81 -30.93 -1.37
CA VAL C 229 7.47 -32.09 -0.78
C VAL C 229 8.72 -32.45 -1.56
N HIS C 230 8.68 -32.37 -2.87
CA HIS C 230 9.88 -32.59 -3.69
C HIS C 230 11.04 -31.66 -3.31
N LEU C 231 10.77 -30.36 -3.26
CA LEU C 231 11.80 -29.36 -2.97
C LEU C 231 12.31 -29.42 -1.53
N LEU C 232 11.40 -29.69 -0.59
CA LEU C 232 11.73 -29.60 0.83
C LEU C 232 12.32 -30.89 1.40
N LYS C 233 11.78 -32.03 0.98
CA LYS C 233 12.05 -33.31 1.62
C LYS C 233 13.53 -33.61 1.83
N PRO C 234 14.37 -33.34 0.82
CA PRO C 234 15.84 -33.53 0.95
C PRO C 234 16.45 -32.79 2.14
N ARG C 235 15.73 -31.84 2.73
CA ARG C 235 16.19 -31.16 3.93
C ARG C 235 15.35 -31.51 5.16
N ALA C 236 14.77 -32.71 5.16
CA ALA C 236 13.83 -33.11 6.20
C ALA C 236 14.36 -32.84 7.60
N ILE C 237 15.54 -33.37 7.91
CA ILE C 237 16.08 -33.21 9.25
C ILE C 237 16.38 -31.76 9.56
N GLU C 238 17.19 -31.15 8.71
CA GLU C 238 17.56 -29.75 8.87
C GLU C 238 16.34 -28.88 9.14
N LEU C 239 15.26 -29.12 8.40
CA LEU C 239 14.02 -28.35 8.58
C LEU C 239 13.22 -28.75 9.81
N SER C 240 13.30 -30.03 10.19
CA SER C 240 12.62 -30.56 11.37
C SER C 240 13.12 -29.93 12.66
N ILE C 241 14.36 -29.43 12.67
CA ILE C 241 14.93 -28.83 13.87
C ILE C 241 14.94 -27.30 13.78
N HIS C 242 14.17 -26.76 12.83
CA HIS C 242 13.95 -25.32 12.72
C HIS C 242 12.62 -24.96 13.37
N LYS C 243 12.58 -23.81 14.02
CA LYS C 243 11.40 -23.41 14.82
C LYS C 243 10.12 -23.41 14.01
N PHE C 244 10.19 -22.87 12.81
CA PHE C 244 9.02 -22.77 11.93
C PHE C 244 8.93 -23.88 10.89
N GLY C 245 10.04 -24.16 10.23
CA GLY C 245 10.10 -25.19 9.20
C GLY C 245 9.60 -26.52 9.70
N SER C 246 9.78 -26.77 10.99
CA SER C 246 9.36 -28.04 11.57
C SER C 246 7.84 -28.19 11.51
N ASN C 247 7.14 -27.08 11.42
CA ASN C 247 5.69 -27.11 11.31
C ASN C 247 5.25 -27.55 9.92
N VAL C 248 6.01 -27.16 8.92
CA VAL C 248 5.81 -27.60 7.55
C VAL C 248 6.05 -29.10 7.41
N ILE C 249 7.17 -29.57 7.96
CA ILE C 249 7.48 -30.99 7.98
C ILE C 249 6.37 -31.78 8.70
N GLU C 250 5.86 -31.24 9.80
CA GLU C 250 4.79 -31.93 10.51
C GLU C 250 3.51 -31.93 9.70
N LYS C 251 3.31 -30.90 8.91
CA LYS C 251 2.14 -30.83 8.05
C LYS C 251 2.24 -31.87 6.93
N ILE C 252 3.40 -31.92 6.28
CA ILE C 252 3.62 -32.97 5.31
C ILE C 252 3.35 -34.35 5.92
N LEU C 253 3.86 -34.59 7.13
CA LEU C 253 3.64 -35.87 7.79
C LEU C 253 2.17 -36.19 8.01
N LYS C 254 1.38 -35.18 8.38
CA LYS C 254 -0.03 -35.39 8.66
C LYS C 254 -0.90 -35.45 7.40
N THR C 255 -0.25 -35.53 6.24
CA THR C 255 -0.92 -35.51 4.95
C THR C 255 -0.70 -36.85 4.24
N ALA C 256 -1.72 -37.68 4.27
CA ALA C 256 -1.54 -39.09 3.94
C ALA C 256 -0.89 -39.41 2.61
N ILE C 257 -1.08 -38.59 1.59
CA ILE C 257 -0.55 -38.96 0.27
C ILE C 257 0.97 -38.73 0.14
N VAL C 258 1.56 -38.06 1.11
CA VAL C 258 2.97 -37.73 1.06
C VAL C 258 3.65 -38.18 2.35
N SER C 259 2.85 -38.71 3.27
CA SER C 259 3.32 -39.14 4.57
C SER C 259 4.48 -40.13 4.50
N GLU C 260 4.22 -41.32 3.96
CA GLU C 260 5.22 -42.37 3.92
C GLU C 260 6.54 -41.92 3.28
N PRO C 261 6.48 -41.27 2.12
CA PRO C 261 7.74 -40.82 1.52
C PRO C 261 8.61 -40.01 2.47
N MET C 262 8.00 -39.17 3.30
CA MET C 262 8.71 -38.27 4.17
C MET C 262 9.27 -38.97 5.40
N ILE C 263 8.49 -39.91 5.94
CA ILE C 263 8.98 -40.76 7.02
C ILE C 263 10.19 -41.55 6.49
N LEU C 264 10.03 -42.05 5.27
CA LEU C 264 11.06 -42.77 4.58
C LEU C 264 12.32 -41.90 4.40
N GLU C 265 12.12 -40.59 4.23
CA GLU C 265 13.24 -39.67 4.10
C GLU C 265 14.01 -39.58 5.39
N ILE C 266 13.28 -39.62 6.49
CA ILE C 266 13.88 -39.65 7.83
C ILE C 266 14.73 -40.90 8.06
N LEU C 267 14.14 -42.08 7.92
CA LEU C 267 14.90 -43.33 7.97
C LEU C 267 16.06 -43.31 6.97
N ASN C 268 15.76 -43.08 5.68
CA ASN C 268 16.78 -43.12 4.65
C ASN C 268 17.95 -42.17 4.95
N ASN C 269 17.74 -40.87 4.75
CA ASN C 269 18.85 -39.94 4.82
C ASN C 269 19.07 -39.27 6.17
N GLY C 270 18.18 -39.53 7.12
CA GLY C 270 18.39 -39.08 8.47
C GLY C 270 19.21 -40.12 9.20
N GLY C 271 18.78 -41.37 9.06
CA GLY C 271 19.46 -42.49 9.67
C GLY C 271 19.40 -42.39 11.18
N GLU C 272 20.13 -43.27 11.87
CA GLU C 272 20.19 -43.22 13.32
C GLU C 272 20.69 -41.86 13.80
N THR C 273 21.67 -41.29 13.09
CA THR C 273 22.20 -39.97 13.41
C THR C 273 21.11 -38.91 13.48
N GLY C 274 20.41 -38.72 12.37
CA GLY C 274 19.44 -37.65 12.24
C GLY C 274 18.29 -37.85 13.20
N ILE C 275 18.01 -39.10 13.52
CA ILE C 275 16.98 -39.41 14.48
C ILE C 275 17.44 -39.09 15.90
N GLN C 276 18.74 -39.16 16.18
CA GLN C 276 19.23 -38.67 17.45
C GLN C 276 18.96 -37.17 17.57
N SER C 277 19.37 -36.41 16.55
CA SER C 277 19.13 -34.97 16.52
C SER C 277 17.68 -34.65 16.84
N LEU C 278 16.76 -35.38 16.23
CA LEU C 278 15.34 -35.13 16.44
C LEU C 278 14.93 -35.34 17.90
N LEU C 279 15.39 -36.44 18.48
CA LEU C 279 15.09 -36.78 19.85
C LEU C 279 15.41 -35.64 20.79
N ASN C 280 16.54 -34.99 20.58
CA ASN C 280 17.05 -34.02 21.54
C ASN C 280 16.67 -32.58 21.23
N ASP C 281 16.04 -32.35 20.10
CA ASP C 281 15.79 -30.98 19.63
C ASP C 281 14.46 -30.42 20.13
N SER C 282 14.45 -29.11 20.38
CA SER C 282 13.29 -28.39 20.92
C SER C 282 12.04 -28.63 20.10
N TYR C 283 12.22 -28.70 18.78
CA TYR C 283 11.14 -28.88 17.82
C TYR C 283 11.23 -30.26 17.16
N GLY C 284 12.44 -30.65 16.78
CA GLY C 284 12.67 -31.96 16.21
C GLY C 284 11.94 -33.08 16.90
N ASN C 285 11.80 -33.00 18.22
CA ASN C 285 11.18 -34.12 18.92
C ASN C 285 9.68 -34.22 18.65
N TYR C 286 9.03 -33.08 18.44
CA TYR C 286 7.62 -33.08 18.09
C TYR C 286 7.41 -33.78 16.75
N VAL C 287 8.33 -33.52 15.82
CA VAL C 287 8.37 -34.20 14.53
C VAL C 287 8.49 -35.71 14.70
N LEU C 288 9.46 -36.12 15.53
CA LEU C 288 9.68 -37.53 15.76
C LEU C 288 8.41 -38.14 16.34
N GLN C 289 7.74 -37.40 17.21
CA GLN C 289 6.55 -37.93 17.87
C GLN C 289 5.49 -38.14 16.83
N THR C 290 5.38 -37.18 15.92
CA THR C 290 4.35 -37.30 14.92
C THR C 290 4.68 -38.39 13.93
N ALA C 291 5.96 -38.46 13.51
CA ALA C 291 6.40 -39.46 12.56
C ALA C 291 6.09 -40.84 13.13
N LEU C 292 6.28 -40.99 14.44
CA LEU C 292 5.96 -42.23 15.13
C LEU C 292 4.48 -42.47 15.19
N ASP C 293 3.73 -41.49 15.68
CA ASP C 293 2.28 -41.59 15.70
C ASP C 293 1.68 -41.98 14.34
N ILE C 294 2.03 -41.21 13.31
CA ILE C 294 1.57 -41.51 11.95
C ILE C 294 1.99 -42.88 11.44
N SER C 295 3.29 -43.17 11.39
CA SER C 295 3.73 -44.44 10.85
C SER C 295 3.03 -45.58 11.57
N HIS C 296 2.78 -45.39 12.86
CA HIS C 296 2.04 -46.35 13.65
C HIS C 296 0.70 -46.65 13.00
N LYS C 297 -0.09 -45.59 12.82
CA LYS C 297 -1.39 -45.70 12.17
C LYS C 297 -1.33 -46.20 10.74
N GLN C 298 -0.41 -45.64 9.96
CA GLN C 298 -0.38 -45.83 8.52
C GLN C 298 0.39 -47.07 8.00
N ASN C 299 1.48 -47.48 8.66
CA ASN C 299 2.36 -48.50 8.09
C ASN C 299 3.31 -49.11 9.11
N ASP C 300 3.18 -50.41 9.34
CA ASP C 300 3.96 -51.07 10.39
C ASP C 300 5.45 -51.20 10.10
N TYR C 301 5.82 -51.58 8.88
CA TYR C 301 7.22 -51.65 8.50
C TYR C 301 7.92 -50.35 8.90
N LEU C 302 7.28 -49.23 8.59
CA LEU C 302 7.84 -47.91 8.92
C LEU C 302 7.88 -47.67 10.42
N TYR C 303 6.76 -47.93 11.09
CA TYR C 303 6.72 -47.79 12.53
C TYR C 303 7.82 -48.61 13.21
N LYS C 304 7.92 -49.88 12.83
CA LYS C 304 8.94 -50.78 13.36
C LYS C 304 10.36 -50.26 13.11
N ARG C 305 10.68 -49.91 11.87
CA ARG C 305 11.98 -49.34 11.57
C ARG C 305 12.25 -48.09 12.43
N LEU C 306 11.30 -47.17 12.49
CA LEU C 306 11.41 -46.05 13.43
C LEU C 306 11.66 -46.56 14.83
N SER C 307 10.65 -47.23 15.39
CA SER C 307 10.68 -47.79 16.75
C SER C 307 12.02 -48.39 17.19
N GLU C 308 12.67 -49.14 16.31
CA GLU C 308 13.86 -49.86 16.72
C GLU C 308 15.13 -49.02 16.70
N ILE C 309 15.00 -47.77 16.26
CA ILE C 309 16.14 -46.87 16.31
C ILE C 309 16.00 -46.00 17.53
N VAL C 310 14.76 -45.60 17.80
CA VAL C 310 14.45 -44.78 18.96
C VAL C 310 14.69 -45.52 20.28
N ALA C 311 14.18 -46.75 20.38
CA ALA C 311 14.29 -47.54 21.60
C ALA C 311 15.70 -47.59 22.23
N PRO C 312 16.73 -47.90 21.44
CA PRO C 312 18.12 -47.86 21.92
C PRO C 312 18.59 -46.46 22.35
N LEU C 313 18.07 -45.41 21.73
CA LEU C 313 18.51 -44.06 22.01
C LEU C 313 17.79 -43.46 23.22
N LEU C 314 16.71 -44.12 23.64
CA LEU C 314 15.94 -43.66 24.80
C LEU C 314 16.55 -44.16 26.10
N VAL C 315 17.85 -43.89 26.25
CA VAL C 315 18.56 -44.27 27.45
C VAL C 315 19.34 -43.10 28.04
N GLY C 316 19.35 -43.03 29.37
CA GLY C 316 19.98 -41.92 30.04
C GLY C 316 19.00 -40.86 30.51
N PRO C 317 19.50 -39.65 30.75
CA PRO C 317 18.72 -38.50 31.25
C PRO C 317 17.51 -38.17 30.38
N ILE C 318 17.53 -38.54 29.10
CA ILE C 318 16.42 -38.24 28.22
C ILE C 318 15.13 -38.86 28.74
N ARG C 319 15.25 -40.01 29.39
CA ARG C 319 14.08 -40.73 29.86
C ARG C 319 13.26 -39.92 30.87
N ASN C 320 13.89 -38.93 31.48
CA ASN C 320 13.22 -38.16 32.52
C ASN C 320 12.66 -36.82 32.04
N THR C 321 12.94 -36.47 30.80
CA THR C 321 12.53 -35.19 30.25
C THR C 321 11.06 -35.20 29.86
N PRO C 322 10.47 -34.04 29.60
CA PRO C 322 9.05 -34.00 29.29
C PRO C 322 8.80 -34.70 27.98
N HIS C 323 9.64 -34.41 27.00
CA HIS C 323 9.51 -34.99 25.68
C HIS C 323 9.94 -36.44 25.65
N GLY C 324 10.90 -36.78 26.50
CA GLY C 324 11.37 -38.15 26.61
C GLY C 324 10.24 -39.08 27.00
N LYS C 325 9.47 -38.68 27.99
CA LYS C 325 8.37 -39.48 28.47
C LYS C 325 7.33 -39.62 27.38
N ARG C 326 7.17 -38.56 26.60
CA ARG C 326 6.13 -38.49 25.57
C ARG C 326 6.46 -39.37 24.36
N ILE C 327 7.75 -39.63 24.15
CA ILE C 327 8.20 -40.50 23.06
C ILE C 327 8.32 -41.94 23.54
N ILE C 328 8.73 -42.12 24.78
CA ILE C 328 8.71 -43.42 25.40
C ILE C 328 7.33 -44.05 25.29
N GLY C 329 6.30 -43.23 25.47
CA GLY C 329 4.92 -43.69 25.43
C GLY C 329 4.42 -44.03 24.03
N MET C 330 5.27 -43.81 23.03
CA MET C 330 4.89 -44.04 21.65
C MET C 330 5.59 -45.23 21.04
N LEU C 331 6.15 -46.11 21.87
CA LEU C 331 6.95 -47.20 21.34
C LEU C 331 6.23 -48.55 21.32
N HIS C 332 5.26 -48.75 22.18
CA HIS C 332 4.54 -50.00 22.07
C HIS C 332 3.05 -49.79 21.94
N LEU C 333 2.66 -49.58 20.70
CA LEU C 333 1.29 -49.24 20.35
C LEU C 333 0.67 -50.37 19.52
N ASP C 334 1.34 -51.51 19.49
CA ASP C 334 0.81 -52.70 18.82
C ASP C 334 1.53 -53.99 19.25
N ASP D 9 0.92 30.38 -49.10
CA ASP D 9 -0.28 30.69 -48.33
C ASP D 9 -1.05 29.43 -47.99
N GLN D 10 -2.34 29.56 -47.67
CA GLN D 10 -3.10 28.42 -47.16
C GLN D 10 -4.63 28.54 -47.19
N TYR D 11 -5.29 27.53 -46.62
CA TYR D 11 -6.75 27.38 -46.51
C TYR D 11 -7.47 26.80 -47.76
N ILE D 12 -6.79 26.83 -48.91
CA ILE D 12 -7.02 25.85 -49.97
C ILE D 12 -6.12 24.69 -49.57
N GLY D 13 -6.42 23.48 -50.04
CA GLY D 13 -5.76 22.32 -49.47
C GLY D 13 -6.23 22.22 -48.03
N SER D 14 -7.55 22.09 -47.88
CA SER D 14 -8.23 21.91 -46.58
C SER D 14 -8.10 23.08 -45.60
N ILE D 15 -8.60 22.85 -44.39
CA ILE D 15 -8.77 23.91 -43.41
C ILE D 15 -8.22 23.49 -42.05
N HIS D 16 -8.70 22.36 -41.54
CA HIS D 16 -8.35 21.92 -40.20
C HIS D 16 -7.58 20.60 -40.21
N SER D 17 -7.77 19.81 -41.27
CA SER D 17 -7.13 18.51 -41.39
C SER D 17 -5.61 18.67 -41.38
N LEU D 18 -5.16 19.91 -41.53
CA LEU D 18 -3.77 20.24 -41.74
C LEU D 18 -2.92 20.01 -40.49
N CYS D 19 -3.46 20.34 -39.33
CA CYS D 19 -2.72 20.16 -38.07
C CYS D 19 -2.82 18.73 -37.53
N LYS D 20 -3.61 17.89 -38.21
CA LYS D 20 -3.61 16.47 -37.94
C LYS D 20 -2.44 15.83 -38.68
N ASP D 21 -2.19 16.30 -39.89
CA ASP D 21 -0.97 15.97 -40.61
C ASP D 21 0.21 16.57 -39.86
N GLN D 22 1.41 16.03 -40.03
CA GLN D 22 2.54 16.51 -39.23
C GLN D 22 3.32 17.68 -39.85
N HIS D 23 3.39 17.73 -41.18
CA HIS D 23 4.14 18.78 -41.88
C HIS D 23 3.30 20.05 -42.11
N GLY D 24 2.00 19.87 -42.32
CA GLY D 24 1.08 20.98 -42.42
C GLY D 24 0.85 21.60 -41.07
N CYS D 25 0.86 20.76 -40.04
CA CYS D 25 0.79 21.25 -38.68
C CYS D 25 1.95 22.20 -38.46
N ARG D 26 3.17 21.71 -38.68
CA ARG D 26 4.36 22.49 -38.36
C ARG D 26 4.50 23.73 -39.23
N PHE D 27 4.06 23.64 -40.48
CA PHE D 27 4.01 24.82 -41.33
C PHE D 27 3.08 25.83 -40.69
N LEU D 28 1.90 25.33 -40.30
CA LEU D 28 0.85 26.15 -39.72
C LEU D 28 1.40 26.95 -38.56
N GLN D 29 2.30 26.34 -37.79
CA GLN D 29 2.90 27.02 -36.65
C GLN D 29 3.92 28.08 -37.05
N LYS D 30 4.63 27.85 -38.16
CA LYS D 30 5.55 28.86 -38.68
C LYS D 30 4.82 30.17 -38.75
N GLN D 31 3.62 30.12 -39.32
CA GLN D 31 2.82 31.31 -39.51
C GLN D 31 2.60 32.03 -38.20
N LEU D 32 2.05 31.31 -37.23
CA LEU D 32 1.82 31.88 -35.90
C LEU D 32 3.09 32.50 -35.35
N ASP D 33 4.23 32.05 -35.86
CA ASP D 33 5.50 32.62 -35.41
C ASP D 33 5.78 33.93 -36.11
N ILE D 34 6.03 33.86 -37.42
CA ILE D 34 6.59 34.98 -38.18
C ILE D 34 5.58 35.97 -38.79
N LEU D 35 4.38 35.48 -39.09
CA LEU D 35 3.28 36.34 -39.53
C LEU D 35 2.39 36.46 -38.29
N GLY D 36 3.01 36.14 -37.16
CA GLY D 36 2.39 35.35 -36.13
C GLY D 36 0.97 35.70 -35.73
N SER D 37 0.62 36.96 -35.90
CA SER D 37 -0.70 37.45 -35.50
C SER D 37 -1.81 37.10 -36.49
N LYS D 38 -1.71 37.63 -37.70
CA LYS D 38 -2.72 37.38 -38.72
C LYS D 38 -2.85 35.87 -38.94
N ALA D 39 -1.72 35.18 -38.80
CA ALA D 39 -1.63 33.74 -38.97
C ALA D 39 -2.31 32.97 -37.83
N ALA D 40 -2.68 33.69 -36.77
CA ALA D 40 -3.39 33.11 -35.65
C ALA D 40 -4.91 33.25 -35.85
N ASP D 41 -5.39 34.46 -36.12
CA ASP D 41 -6.79 34.63 -36.50
C ASP D 41 -7.18 33.61 -37.55
N ALA D 42 -6.20 33.26 -38.39
CA ALA D 42 -6.41 32.32 -39.47
C ALA D 42 -6.61 30.92 -38.91
N ILE D 43 -5.49 30.33 -38.49
CA ILE D 43 -5.45 28.97 -37.98
C ILE D 43 -6.48 28.78 -36.87
N PHE D 44 -6.63 29.78 -36.02
CA PHE D 44 -7.65 29.77 -34.98
C PHE D 44 -8.99 29.42 -35.59
N GLU D 45 -9.55 30.38 -36.32
CA GLU D 45 -10.89 30.25 -36.86
C GLU D 45 -11.15 28.95 -37.65
N GLU D 46 -10.11 28.35 -38.21
CA GLU D 46 -10.27 27.12 -38.99
C GLU D 46 -10.21 25.87 -38.12
N THR D 47 -9.52 25.99 -36.98
CA THR D 47 -9.22 24.82 -36.15
C THR D 47 -10.02 24.77 -34.86
N LYS D 48 -10.43 25.91 -34.35
CA LYS D 48 -11.17 25.98 -33.08
C LYS D 48 -12.18 24.86 -32.90
N ASP D 49 -12.96 24.61 -33.94
CA ASP D 49 -13.97 23.56 -33.91
C ASP D 49 -13.44 22.15 -33.58
N TYR D 50 -12.13 21.93 -33.68
CA TYR D 50 -11.57 20.62 -33.39
C TYR D 50 -10.51 20.69 -32.32
N THR D 51 -10.63 21.67 -31.42
CA THR D 51 -9.56 21.88 -30.43
C THR D 51 -9.40 20.72 -29.45
N VAL D 52 -10.52 20.17 -29.00
CA VAL D 52 -10.49 19.03 -28.10
C VAL D 52 -9.92 17.81 -28.81
N GLU D 53 -10.15 17.75 -30.12
CA GLU D 53 -9.61 16.68 -30.93
C GLU D 53 -8.11 16.89 -31.15
N LEU D 54 -7.72 18.13 -31.43
CA LEU D 54 -6.33 18.44 -31.70
C LEU D 54 -5.49 18.39 -30.46
N MET D 55 -6.12 18.71 -29.33
CA MET D 55 -5.46 18.65 -28.05
C MET D 55 -5.01 17.23 -27.73
N THR D 56 -5.87 16.26 -28.02
CA THR D 56 -5.55 14.86 -27.69
C THR D 56 -4.83 14.12 -28.84
N ASP D 57 -4.35 14.87 -29.83
CA ASP D 57 -3.67 14.27 -30.97
C ASP D 57 -2.14 14.36 -30.92
N SER D 58 -1.46 13.43 -31.59
CA SER D 58 0.00 13.29 -31.50
C SER D 58 0.77 14.55 -31.91
N PHE D 59 0.19 15.30 -32.84
CA PHE D 59 0.86 16.46 -33.43
C PHE D 59 0.04 17.75 -33.29
N GLY D 60 -1.28 17.64 -33.47
CA GLY D 60 -2.15 18.77 -33.25
C GLY D 60 -1.80 19.49 -31.97
N ASN D 61 -1.81 18.76 -30.85
CA ASN D 61 -1.54 19.34 -29.54
C ASN D 61 -0.39 20.32 -29.56
N TYR D 62 0.64 20.04 -30.36
CA TYR D 62 1.79 20.93 -30.47
C TYR D 62 1.34 22.23 -31.12
N LEU D 63 0.49 22.11 -32.13
CA LEU D 63 -0.06 23.29 -32.77
C LEU D 63 -0.82 24.09 -31.74
N ILE D 64 -1.76 23.41 -31.09
CA ILE D 64 -2.57 24.03 -30.02
C ILE D 64 -1.70 24.76 -29.01
N GLN D 65 -0.57 24.16 -28.65
CA GLN D 65 0.36 24.80 -27.73
C GLN D 65 0.98 26.05 -28.34
N LYS D 66 1.28 26.02 -29.64
CA LYS D 66 1.81 27.22 -30.29
C LYS D 66 0.68 28.20 -30.45
N LEU D 67 -0.48 27.67 -30.82
CA LEU D 67 -1.66 28.49 -31.04
C LEU D 67 -2.04 29.29 -29.79
N LEU D 68 -1.77 28.73 -28.61
CA LEU D 68 -2.14 29.41 -27.37
C LEU D 68 -1.17 30.55 -27.02
N GLU D 69 0.12 30.35 -27.31
CA GLU D 69 1.11 31.40 -27.09
C GLU D 69 0.83 32.59 -27.99
N GLU D 70 0.26 32.32 -29.17
CA GLU D 70 0.20 33.31 -30.23
C GLU D 70 -1.14 34.02 -30.28
N VAL D 71 -2.17 33.33 -29.81
CA VAL D 71 -3.53 33.79 -29.89
C VAL D 71 -3.80 34.97 -28.94
N THR D 72 -4.93 35.64 -29.13
CA THR D 72 -5.32 36.77 -28.27
C THR D 72 -6.09 36.27 -27.07
N THR D 73 -6.37 37.17 -26.13
CA THR D 73 -7.09 36.76 -24.93
C THR D 73 -8.47 36.24 -25.28
N GLU D 74 -9.24 37.00 -26.04
CA GLU D 74 -10.59 36.56 -26.42
C GLU D 74 -10.56 35.19 -27.07
N GLN D 75 -9.57 34.96 -27.94
CA GLN D 75 -9.48 33.70 -28.63
C GLN D 75 -9.18 32.58 -27.62
N ARG D 76 -8.38 32.89 -26.61
CA ARG D 76 -8.06 31.92 -25.58
C ARG D 76 -9.28 31.57 -24.75
N ILE D 77 -10.10 32.57 -24.44
CA ILE D 77 -11.30 32.35 -23.66
C ILE D 77 -12.28 31.47 -24.42
N VAL D 78 -12.25 31.58 -25.74
CA VAL D 78 -13.09 30.73 -26.56
C VAL D 78 -12.52 29.32 -26.59
N LEU D 79 -11.22 29.19 -26.83
CA LEU D 79 -10.59 27.87 -26.79
C LEU D 79 -10.85 27.19 -25.44
N THR D 80 -10.75 27.98 -24.37
CA THR D 80 -10.93 27.48 -23.01
C THR D 80 -12.38 27.03 -22.79
N LYS D 81 -13.32 27.82 -23.26
CA LYS D 81 -14.74 27.46 -23.15
C LYS D 81 -15.07 26.22 -23.97
N ILE D 82 -14.42 26.07 -25.12
CA ILE D 82 -14.68 24.96 -26.02
C ILE D 82 -14.10 23.67 -25.45
N SER D 83 -13.01 23.78 -24.70
CA SER D 83 -12.36 22.61 -24.13
C SER D 83 -12.83 22.20 -22.73
N SER D 84 -13.35 23.15 -21.95
CA SER D 84 -13.70 22.85 -20.56
C SER D 84 -14.60 21.64 -20.35
N PRO D 85 -15.61 21.46 -21.22
CA PRO D 85 -16.39 20.23 -21.04
C PRO D 85 -15.57 18.95 -21.21
N HIS D 86 -14.32 19.07 -21.64
CA HIS D 86 -13.54 17.87 -22.00
C HIS D 86 -12.19 17.77 -21.30
N PHE D 87 -12.03 18.53 -20.23
CA PHE D 87 -10.79 18.55 -19.47
C PHE D 87 -10.37 17.19 -18.90
N VAL D 88 -11.30 16.40 -18.39
CA VAL D 88 -10.94 15.12 -17.81
C VAL D 88 -10.36 14.20 -18.88
N GLU D 89 -11.07 14.05 -20.01
CA GLU D 89 -10.59 13.15 -21.06
C GLU D 89 -9.32 13.73 -21.69
N ILE D 90 -9.26 15.06 -21.76
CA ILE D 90 -8.05 15.74 -22.24
C ILE D 90 -6.87 15.47 -21.30
N SER D 91 -7.13 15.51 -20.00
CA SER D 91 -6.08 15.39 -19.00
C SER D 91 -5.49 13.99 -18.89
N LEU D 92 -6.31 12.96 -19.08
CA LEU D 92 -5.83 11.58 -18.95
C LEU D 92 -5.03 11.18 -20.17
N ASN D 93 -5.00 12.07 -21.15
CA ASN D 93 -4.33 11.82 -22.39
C ASN D 93 -2.92 12.38 -22.38
N PRO D 94 -1.97 11.61 -22.90
CA PRO D 94 -0.53 11.90 -23.00
C PRO D 94 -0.25 13.17 -23.75
N HIS D 95 -1.02 13.41 -24.80
CA HIS D 95 -0.86 14.61 -25.61
C HIS D 95 -1.71 15.74 -25.07
N GLY D 96 -2.92 15.38 -24.65
CA GLY D 96 -3.88 16.35 -24.14
C GLY D 96 -3.39 17.03 -22.89
N THR D 97 -2.66 16.29 -22.05
CA THR D 97 -2.18 16.85 -20.79
C THR D 97 -1.24 18.00 -21.10
N ARG D 98 -0.43 17.81 -22.14
CA ARG D 98 0.55 18.79 -22.58
C ARG D 98 -0.08 20.08 -23.07
N ALA D 99 -1.10 19.95 -23.91
CA ALA D 99 -1.86 21.10 -24.38
C ALA D 99 -2.54 21.86 -23.24
N LEU D 100 -3.31 21.14 -22.41
CA LEU D 100 -4.00 21.75 -21.29
C LEU D 100 -3.03 22.46 -20.32
N GLN D 101 -1.90 21.83 -20.02
CA GLN D 101 -0.86 22.47 -19.19
C GLN D 101 -0.47 23.80 -19.79
N LYS D 102 -0.23 23.79 -21.09
CA LYS D 102 0.14 25.00 -21.81
C LYS D 102 -0.95 26.06 -21.69
N LEU D 103 -2.19 25.66 -21.90
CA LEU D 103 -3.30 26.58 -21.78
C LEU D 103 -3.28 27.31 -20.44
N ILE D 104 -3.09 26.53 -19.37
CA ILE D 104 -2.99 27.06 -18.02
C ILE D 104 -1.81 28.04 -17.87
N GLU D 105 -0.68 27.70 -18.49
CA GLU D 105 0.48 28.60 -18.51
C GLU D 105 0.16 29.89 -19.22
N CYS D 106 -0.78 29.86 -20.16
CA CYS D 106 -1.03 31.03 -20.99
C CYS D 106 -2.12 31.96 -20.49
N ILE D 107 -2.97 31.49 -19.58
CA ILE D 107 -4.12 32.29 -19.16
C ILE D 107 -3.74 33.49 -18.30
N LYS D 108 -4.37 34.63 -18.60
CA LYS D 108 -4.00 35.91 -17.98
C LYS D 108 -5.10 36.51 -17.11
N THR D 109 -6.36 36.20 -17.43
CA THR D 109 -7.50 36.80 -16.74
C THR D 109 -8.08 35.90 -15.65
N ASP D 110 -8.98 36.45 -14.86
CA ASP D 110 -9.62 35.68 -13.80
C ASP D 110 -10.78 34.85 -14.32
N GLU D 111 -11.40 35.29 -15.41
CA GLU D 111 -12.45 34.50 -16.05
C GLU D 111 -11.83 33.18 -16.48
N GLU D 112 -10.61 33.25 -16.99
CA GLU D 112 -9.91 32.06 -17.48
C GLU D 112 -9.61 31.10 -16.34
N ALA D 113 -9.01 31.63 -15.29
CA ALA D 113 -8.72 30.82 -14.11
C ALA D 113 -10.01 30.30 -13.49
N GLN D 114 -11.02 31.16 -13.46
CA GLN D 114 -12.31 30.75 -12.94
C GLN D 114 -12.85 29.53 -13.68
N ILE D 115 -12.94 29.62 -15.00
CA ILE D 115 -13.42 28.52 -15.83
C ILE D 115 -12.63 27.23 -15.59
N VAL D 116 -11.32 27.35 -15.57
CA VAL D 116 -10.46 26.18 -15.38
C VAL D 116 -10.69 25.52 -14.01
N VAL D 117 -10.60 26.27 -12.92
CA VAL D 117 -10.85 25.65 -11.62
C VAL D 117 -12.26 25.07 -11.55
N ASP D 118 -13.24 25.81 -12.04
CA ASP D 118 -14.62 25.34 -12.02
C ASP D 118 -14.75 23.98 -12.68
N SER D 119 -14.08 23.79 -13.81
CA SER D 119 -14.16 22.53 -14.57
C SER D 119 -13.45 21.37 -13.89
N LEU D 120 -12.26 21.66 -13.35
CA LEU D 120 -11.39 20.64 -12.81
C LEU D 120 -11.81 20.26 -11.40
N ARG D 121 -12.45 21.18 -10.71
CA ARG D 121 -12.82 21.00 -9.29
C ARG D 121 -13.26 19.57 -8.96
N PRO D 122 -14.39 19.11 -9.56
CA PRO D 122 -15.02 17.85 -9.17
C PRO D 122 -14.11 16.64 -9.34
N TYR D 123 -13.05 16.81 -10.12
CA TYR D 123 -12.22 15.70 -10.55
C TYR D 123 -10.79 15.76 -10.02
N THR D 124 -10.54 16.67 -9.08
CA THR D 124 -9.20 16.90 -8.58
C THR D 124 -8.51 15.60 -8.11
N VAL D 125 -9.12 14.92 -7.14
CA VAL D 125 -8.54 13.71 -6.58
C VAL D 125 -8.30 12.69 -7.68
N GLN D 126 -9.20 12.61 -8.64
CA GLN D 126 -9.06 11.62 -9.72
C GLN D 126 -7.89 11.94 -10.67
N LEU D 127 -7.83 13.18 -11.16
CA LEU D 127 -6.71 13.61 -11.99
C LEU D 127 -5.40 13.55 -11.23
N SER D 128 -5.45 13.68 -9.92
CA SER D 128 -4.24 13.70 -9.11
C SER D 128 -3.65 12.31 -8.95
N LYS D 129 -4.47 11.29 -9.16
CA LYS D 129 -3.98 9.90 -9.15
C LYS D 129 -3.57 9.45 -10.54
N ASP D 130 -3.69 10.32 -11.55
CA ASP D 130 -3.48 9.89 -12.93
C ASP D 130 -2.09 10.19 -13.46
N LEU D 131 -1.55 9.24 -14.21
CA LEU D 131 -0.25 9.41 -14.88
C LEU D 131 -0.06 10.75 -15.60
N ASN D 132 -0.96 11.06 -16.54
CA ASN D 132 -0.88 12.31 -17.29
C ASN D 132 -1.62 13.46 -16.63
N GLY D 133 -2.74 13.13 -15.99
CA GLY D 133 -3.62 14.11 -15.36
C GLY D 133 -2.97 14.91 -14.24
N ASN D 134 -2.25 14.22 -13.36
CA ASN D 134 -1.61 14.87 -12.21
C ASN D 134 -0.79 16.11 -12.59
N HIS D 135 -0.32 16.15 -13.83
CA HIS D 135 0.50 17.28 -14.25
C HIS D 135 -0.34 18.50 -14.59
N VAL D 136 -1.64 18.30 -14.80
CA VAL D 136 -2.54 19.43 -14.97
C VAL D 136 -2.79 20.06 -13.62
N ILE D 137 -3.10 19.22 -12.64
CA ILE D 137 -3.29 19.67 -11.26
C ILE D 137 -2.05 20.43 -10.75
N GLN D 138 -0.86 19.90 -11.05
CA GLN D 138 0.41 20.52 -10.62
C GLN D 138 0.61 21.89 -11.25
N LYS D 139 0.21 22.03 -12.51
CA LYS D 139 0.38 23.30 -13.21
C LYS D 139 -0.60 24.36 -12.69
N CYS D 140 -1.78 23.93 -12.25
CA CYS D 140 -2.68 24.85 -11.57
C CYS D 140 -2.01 25.44 -10.33
N LEU D 141 -1.32 24.59 -9.57
CA LEU D 141 -0.67 25.01 -8.33
C LEU D 141 0.51 25.91 -8.63
N GLN D 142 1.16 25.63 -9.75
CA GLN D 142 2.36 26.34 -10.13
C GLN D 142 2.12 27.69 -10.81
N ARG D 143 0.98 27.86 -11.47
CA ARG D 143 0.72 29.06 -12.27
C ARG D 143 -0.39 29.98 -11.75
N LEU D 144 -1.36 29.42 -11.03
CA LEU D 144 -2.50 30.21 -10.58
C LEU D 144 -2.26 30.89 -9.25
N LYS D 145 -3.03 31.94 -8.96
CA LYS D 145 -3.09 32.56 -7.65
C LYS D 145 -3.66 31.55 -6.66
N PRO D 146 -3.18 31.57 -5.42
CA PRO D 146 -3.69 30.70 -4.35
C PRO D 146 -5.19 30.86 -4.19
N GLU D 147 -5.66 32.10 -4.28
CA GLU D 147 -7.08 32.40 -4.24
C GLU D 147 -7.83 31.47 -5.17
N ASN D 148 -7.25 31.26 -6.34
CA ASN D 148 -7.84 30.42 -7.39
C ASN D 148 -7.74 28.92 -7.11
N PHE D 149 -6.53 28.42 -6.92
CA PHE D 149 -6.37 26.98 -6.71
C PHE D 149 -6.80 26.50 -5.33
N GLN D 150 -7.52 27.34 -4.60
CA GLN D 150 -8.06 26.93 -3.32
C GLN D 150 -8.79 25.59 -3.45
N PHE D 151 -9.45 25.41 -4.58
CA PHE D 151 -10.22 24.18 -4.87
C PHE D 151 -9.40 22.91 -4.76
N ILE D 152 -8.17 22.94 -5.29
CA ILE D 152 -7.25 21.81 -5.25
C ILE D 152 -6.86 21.44 -3.83
N PHE D 153 -6.48 22.45 -3.05
CA PHE D 153 -6.14 22.21 -1.67
C PHE D 153 -7.31 21.62 -0.92
N ASP D 154 -8.50 22.15 -1.14
CA ASP D 154 -9.66 21.59 -0.49
C ASP D 154 -9.78 20.12 -0.85
N ALA D 155 -9.75 19.84 -2.14
CA ALA D 155 -9.98 18.49 -2.65
C ALA D 155 -8.98 17.47 -2.14
N ILE D 156 -7.73 17.93 -2.04
CA ILE D 156 -6.59 17.10 -1.70
C ILE D 156 -6.42 16.96 -0.21
N SER D 157 -6.68 18.03 0.52
CA SER D 157 -6.73 17.94 1.97
C SER D 157 -7.70 16.85 2.44
N ASP D 158 -8.81 16.65 1.72
CA ASP D 158 -9.82 15.68 2.17
C ASP D 158 -9.46 14.24 1.86
N SER D 159 -8.83 14.05 0.70
CA SER D 159 -8.37 12.73 0.28
C SER D 159 -6.88 12.80 0.48
N CYS D 160 -6.54 13.17 1.71
CA CYS D 160 -5.18 13.50 2.08
C CYS D 160 -4.32 12.26 2.08
N ILE D 161 -4.76 11.25 2.81
CA ILE D 161 -3.98 10.04 2.95
C ILE D 161 -3.98 9.28 1.65
N ASP D 162 -5.15 9.23 1.00
CA ASP D 162 -5.26 8.57 -0.30
C ASP D 162 -4.20 9.11 -1.27
N ILE D 163 -4.06 10.42 -1.32
CA ILE D 163 -3.16 11.05 -2.26
C ILE D 163 -1.71 10.88 -1.81
N ALA D 164 -1.42 11.17 -0.56
CA ALA D 164 -0.09 11.00 -0.03
C ALA D 164 0.48 9.59 -0.18
N THR D 165 -0.37 8.57 -0.27
CA THR D 165 0.13 7.20 -0.34
C THR D 165 0.05 6.66 -1.76
N HIS D 166 -0.17 7.55 -2.71
CA HIS D 166 -0.30 7.20 -4.12
C HIS D 166 0.97 7.55 -4.91
N ARG D 167 1.37 6.68 -5.83
CA ARG D 167 2.53 6.94 -6.72
C ARG D 167 2.56 8.35 -7.32
N HIS D 168 1.39 8.86 -7.71
CA HIS D 168 1.30 10.18 -8.33
C HIS D 168 0.73 11.23 -7.40
N GLY D 169 -0.28 10.85 -6.62
CA GLY D 169 -0.84 11.76 -5.65
C GLY D 169 0.25 12.46 -4.85
N CYS D 170 1.22 11.68 -4.39
CA CYS D 170 2.30 12.19 -3.55
C CYS D 170 3.09 13.32 -4.23
N CYS D 171 3.09 13.37 -5.55
CA CYS D 171 3.81 14.44 -6.25
C CYS D 171 3.04 15.74 -6.23
N VAL D 172 1.72 15.63 -6.23
CA VAL D 172 0.85 16.79 -6.13
C VAL D 172 0.95 17.43 -4.74
N LEU D 173 0.98 16.60 -3.69
CA LEU D 173 1.18 17.12 -2.34
C LEU D 173 2.46 17.93 -2.30
N GLN D 174 3.51 17.41 -2.93
CA GLN D 174 4.76 18.15 -2.97
C GLN D 174 4.64 19.50 -3.67
N ARG D 175 3.87 19.61 -4.74
CA ARG D 175 3.58 20.93 -5.31
C ARG D 175 2.75 21.83 -4.39
N CYS D 176 1.74 21.24 -3.74
CA CYS D 176 0.96 21.98 -2.76
C CYS D 176 1.89 22.68 -1.75
N LEU D 177 2.83 21.90 -1.21
CA LEU D 177 3.80 22.45 -0.25
C LEU D 177 4.71 23.50 -0.88
N ASP D 178 4.96 23.37 -2.18
CA ASP D 178 5.78 24.33 -2.90
C ASP D 178 5.12 25.68 -3.05
N HIS D 179 3.83 25.68 -3.37
CA HIS D 179 3.16 26.90 -3.86
C HIS D 179 2.05 27.48 -3.01
N GLY D 180 1.60 26.75 -1.99
CA GLY D 180 0.47 27.22 -1.21
C GLY D 180 0.78 28.23 -0.12
N THR D 181 -0.26 28.96 0.27
CA THR D 181 -0.22 29.80 1.45
C THR D 181 0.14 29.04 2.73
N THR D 182 0.77 29.74 3.67
CA THR D 182 0.97 29.22 5.01
C THR D 182 -0.33 28.65 5.55
N GLU D 183 -1.42 29.38 5.36
CA GLU D 183 -2.73 28.96 5.86
C GLU D 183 -3.14 27.64 5.24
N GLN D 184 -2.83 27.52 3.96
CA GLN D 184 -3.20 26.34 3.18
C GLN D 184 -2.34 25.12 3.55
N CYS D 185 -1.04 25.33 3.63
CA CYS D 185 -0.11 24.25 3.96
C CYS D 185 -0.27 23.79 5.40
N ASP D 186 -0.53 24.73 6.31
CA ASP D 186 -0.68 24.36 7.70
C ASP D 186 -1.87 23.43 7.84
N ASN D 187 -2.93 23.72 7.07
CA ASN D 187 -4.12 22.91 7.14
C ASN D 187 -3.86 21.54 6.55
N LEU D 188 -3.09 21.54 5.47
CA LEU D 188 -2.74 20.31 4.79
C LEU D 188 -1.89 19.48 5.72
N CYS D 189 -0.93 20.13 6.36
CA CYS D 189 0.03 19.44 7.21
C CYS D 189 -0.60 18.98 8.51
N ASP D 190 -1.47 19.79 9.08
CA ASP D 190 -2.21 19.36 10.26
C ASP D 190 -2.79 17.96 9.98
N LYS D 191 -3.41 17.78 8.82
CA LYS D 191 -3.99 16.48 8.47
C LYS D 191 -2.90 15.42 8.23
N LEU D 192 -1.86 15.78 7.49
CA LEU D 192 -0.77 14.85 7.22
C LEU D 192 -0.19 14.31 8.50
N LEU D 193 -0.10 15.18 9.50
CA LEU D 193 0.55 14.83 10.76
C LEU D 193 -0.26 13.80 11.53
N ALA D 194 -1.57 13.79 11.29
CA ALA D 194 -2.45 12.84 11.95
C ALA D 194 -2.17 11.38 11.57
N LEU D 195 -1.36 11.16 10.54
CA LEU D 195 -0.93 9.81 10.20
C LEU D 195 0.51 9.82 9.75
N VAL D 196 1.35 10.54 10.48
CA VAL D 196 2.75 10.59 10.15
C VAL D 196 3.37 9.22 10.37
N ASP D 197 2.80 8.45 11.27
CA ASP D 197 3.24 7.08 11.50
C ASP D 197 3.04 6.25 10.23
N LYS D 198 1.80 6.19 9.77
CA LYS D 198 1.47 5.39 8.61
C LYS D 198 2.09 5.94 7.31
N LEU D 199 2.29 7.25 7.23
CA LEU D 199 2.88 7.84 6.03
C LEU D 199 4.36 7.54 6.01
N THR D 200 4.96 7.52 7.18
CA THR D 200 6.38 7.25 7.30
C THR D 200 6.74 5.86 6.82
N LEU D 201 5.90 4.88 7.08
CA LEU D 201 6.17 3.49 6.69
C LEU D 201 5.72 3.20 5.28
N ASP D 202 5.29 4.23 4.57
CA ASP D 202 4.65 4.04 3.26
C ASP D 202 5.61 4.25 2.11
N PRO D 203 5.49 3.42 1.08
CA PRO D 203 6.32 3.52 -0.13
C PRO D 203 6.36 4.93 -0.69
N PHE D 204 5.28 5.70 -0.53
CA PHE D 204 5.22 7.06 -1.08
C PHE D 204 5.09 8.11 -0.02
N GLY D 205 4.25 7.84 0.98
CA GLY D 205 4.03 8.74 2.09
C GLY D 205 5.31 9.20 2.77
N ASN D 206 6.28 8.29 2.88
CA ASN D 206 7.53 8.64 3.54
C ASN D 206 8.19 9.81 2.82
N TYR D 207 7.93 9.92 1.52
CA TYR D 207 8.50 11.01 0.75
C TYR D 207 7.84 12.34 1.11
N VAL D 208 6.55 12.29 1.41
CA VAL D 208 5.81 13.48 1.82
C VAL D 208 6.28 13.96 3.20
N VAL D 209 6.47 13.01 4.10
CA VAL D 209 7.02 13.32 5.41
C VAL D 209 8.36 14.05 5.27
N GLN D 210 9.25 13.48 4.46
CA GLN D 210 10.57 14.08 4.28
C GLN D 210 10.46 15.47 3.68
N TYR D 211 9.51 15.66 2.77
CA TYR D 211 9.38 16.94 2.10
C TYR D 211 8.99 18.07 3.05
N ILE D 212 8.02 17.83 3.95
CA ILE D 212 7.67 18.81 4.98
C ILE D 212 8.94 19.31 5.65
N ILE D 213 9.76 18.37 6.09
CA ILE D 213 11.05 18.72 6.67
C ILE D 213 11.95 19.51 5.71
N THR D 214 12.03 19.07 4.46
CA THR D 214 12.89 19.73 3.47
C THR D 214 12.56 21.20 3.28
N LYS D 215 11.28 21.52 3.17
CA LYS D 215 10.86 22.90 2.89
C LYS D 215 11.03 23.84 4.09
N GLU D 216 10.85 23.32 5.30
CA GLU D 216 11.05 24.11 6.48
C GLU D 216 12.52 24.38 6.63
N ALA D 217 13.34 23.37 6.38
CA ALA D 217 14.79 23.57 6.42
C ALA D 217 15.18 24.61 5.36
N GLU D 218 14.49 24.59 4.24
CA GLU D 218 14.71 25.53 3.16
C GLU D 218 14.47 26.96 3.67
N LYS D 219 13.35 27.19 4.34
CA LYS D 219 12.97 28.53 4.80
C LYS D 219 13.66 28.90 6.11
N ASN D 220 14.30 27.92 6.74
CA ASN D 220 14.87 28.09 8.06
C ASN D 220 13.84 28.40 9.16
N LYS D 221 12.63 27.91 8.96
CA LYS D 221 11.54 28.13 9.89
C LYS D 221 10.82 26.81 10.16
N TYR D 222 10.90 26.32 11.40
CA TYR D 222 10.52 24.96 11.72
C TYR D 222 9.27 24.83 12.60
N ASP D 223 8.27 24.13 12.08
CA ASP D 223 7.01 23.94 12.77
C ASP D 223 6.73 22.45 12.80
N TYR D 224 6.29 21.90 11.69
CA TYR D 224 5.98 20.48 11.63
C TYR D 224 7.21 19.57 11.69
N THR D 225 8.39 20.11 11.44
CA THR D 225 9.59 19.30 11.59
C THR D 225 9.68 18.81 13.02
N HIS D 226 9.34 19.68 13.96
CA HIS D 226 9.37 19.33 15.37
C HIS D 226 8.20 18.44 15.75
N LYS D 227 7.06 18.72 15.16
CA LYS D 227 5.87 17.92 15.40
C LYS D 227 6.06 16.48 14.92
N ILE D 228 6.64 16.31 13.74
CA ILE D 228 7.04 15.00 13.25
C ILE D 228 8.04 14.32 14.19
N VAL D 229 9.19 14.96 14.41
CA VAL D 229 10.23 14.39 15.25
C VAL D 229 9.66 14.01 16.61
N HIS D 230 8.77 14.82 17.15
CA HIS D 230 8.11 14.48 18.42
C HIS D 230 7.35 13.16 18.37
N LEU D 231 6.51 13.00 17.36
CA LEU D 231 5.70 11.79 17.22
C LEU D 231 6.50 10.54 16.85
N LEU D 232 7.51 10.71 16.00
CA LEU D 232 8.25 9.58 15.45
C LEU D 232 9.37 9.11 16.34
N LYS D 233 10.08 10.05 16.94
CA LYS D 233 11.35 9.76 17.61
C LYS D 233 11.29 8.57 18.57
N PRO D 234 10.24 8.50 19.41
CA PRO D 234 10.04 7.36 20.31
C PRO D 234 10.07 5.98 19.64
N ARG D 235 10.01 5.95 18.32
CA ARG D 235 10.11 4.70 17.59
C ARG D 235 11.35 4.69 16.72
N ALA D 236 12.38 5.40 17.12
CA ALA D 236 13.58 5.56 16.30
C ALA D 236 14.14 4.24 15.79
N ILE D 237 14.34 3.27 16.68
CA ILE D 237 14.93 2.01 16.26
C ILE D 237 13.99 1.24 15.36
N GLU D 238 12.79 1.00 15.87
CA GLU D 238 11.75 0.32 15.13
C GLU D 238 11.62 0.86 13.72
N LEU D 239 11.65 2.19 13.59
CA LEU D 239 11.52 2.83 12.27
C LEU D 239 12.82 2.77 11.44
N SER D 240 13.95 2.74 12.13
CA SER D 240 15.26 2.65 11.49
C SER D 240 15.46 1.36 10.72
N ILE D 241 14.77 0.30 11.15
CA ILE D 241 14.90 -1.00 10.50
C ILE D 241 13.74 -1.31 9.56
N HIS D 242 12.95 -0.28 9.25
CA HIS D 242 11.89 -0.39 8.26
C HIS D 242 12.42 0.09 6.92
N LYS D 243 12.02 -0.58 5.85
CA LYS D 243 12.52 -0.25 4.51
C LYS D 243 12.35 1.25 4.16
N PHE D 244 11.17 1.79 4.42
CA PHE D 244 10.87 3.18 4.08
C PHE D 244 11.06 4.14 5.24
N GLY D 245 10.59 3.74 6.42
CA GLY D 245 10.69 4.56 7.62
C GLY D 245 12.11 4.98 7.92
N SER D 246 13.06 4.11 7.58
CA SER D 246 14.46 4.39 7.81
C SER D 246 14.93 5.62 7.02
N ASN D 247 14.27 5.92 5.92
CA ASN D 247 14.59 7.10 5.15
C ASN D 247 14.20 8.38 5.85
N VAL D 248 13.08 8.33 6.56
CA VAL D 248 12.60 9.45 7.36
C VAL D 248 13.56 9.69 8.51
N ILE D 249 13.93 8.62 9.20
CA ILE D 249 14.88 8.71 10.31
C ILE D 249 16.19 9.29 9.82
N GLU D 250 16.68 8.84 8.67
CA GLU D 250 17.89 9.42 8.09
C GLU D 250 17.75 10.89 7.70
N LYS D 251 16.55 11.28 7.28
CA LYS D 251 16.28 12.68 6.94
C LYS D 251 16.32 13.52 8.22
N ILE D 252 15.66 13.04 9.27
CA ILE D 252 15.74 13.73 10.54
C ILE D 252 17.21 13.91 10.95
N LEU D 253 17.99 12.84 10.86
CA LEU D 253 19.40 12.91 11.21
C LEU D 253 20.15 13.95 10.41
N LYS D 254 19.86 14.07 9.12
CA LYS D 254 20.59 15.00 8.27
C LYS D 254 20.05 16.42 8.38
N THR D 255 19.19 16.65 9.37
CA THR D 255 18.58 17.97 9.60
C THR D 255 19.09 18.54 10.92
N ALA D 256 20.02 19.48 10.84
CA ALA D 256 20.80 19.87 12.01
C ALA D 256 20.00 20.28 13.27
N ILE D 257 18.84 20.90 13.11
CA ILE D 257 18.15 21.40 14.30
C ILE D 257 17.48 20.30 15.12
N VAL D 258 17.41 19.09 14.56
CA VAL D 258 16.76 17.96 15.22
C VAL D 258 17.68 16.76 15.30
N SER D 259 18.87 16.91 14.73
CA SER D 259 19.88 15.87 14.64
C SER D 259 20.26 15.29 16.00
N GLU D 260 20.84 16.12 16.85
CA GLU D 260 21.32 15.66 18.15
C GLU D 260 20.25 14.93 18.93
N PRO D 261 19.06 15.53 19.07
CA PRO D 261 18.02 14.84 19.83
C PRO D 261 17.77 13.41 19.38
N MET D 262 17.86 13.17 18.09
CA MET D 262 17.50 11.87 17.52
C MET D 262 18.64 10.88 17.71
N ILE D 263 19.87 11.37 17.58
CA ILE D 263 21.04 10.53 17.88
C ILE D 263 20.95 10.13 19.34
N LEU D 264 20.65 11.11 20.16
CA LEU D 264 20.44 10.93 21.58
C LEU D 264 19.32 9.91 21.88
N GLU D 265 18.32 9.85 21.02
CA GLU D 265 17.25 8.86 21.18
C GLU D 265 17.79 7.45 20.96
N ILE D 266 18.69 7.32 19.98
CA ILE D 266 19.35 6.06 19.70
C ILE D 266 20.16 5.60 20.92
N LEU D 267 21.11 6.43 21.38
CA LEU D 267 21.89 6.11 22.58
C LEU D 267 20.95 5.86 23.75
N ASN D 268 20.08 6.81 24.05
CA ASN D 268 19.19 6.66 25.18
C ASN D 268 18.37 5.37 25.13
N ASN D 269 17.34 5.34 24.30
CA ASN D 269 16.39 4.22 24.33
C ASN D 269 16.69 3.06 23.39
N GLY D 270 17.71 3.24 22.55
CA GLY D 270 18.18 2.14 21.73
C GLY D 270 19.15 1.32 22.55
N GLY D 271 20.09 2.01 23.18
CA GLY D 271 21.09 1.38 24.00
C GLY D 271 21.97 0.50 23.15
N GLU D 272 22.81 -0.30 23.80
CA GLU D 272 23.68 -1.22 23.10
C GLU D 272 22.83 -2.20 22.30
N THR D 273 21.71 -2.62 22.87
CA THR D 273 20.79 -3.51 22.17
C THR D 273 20.35 -2.98 20.80
N GLY D 274 19.67 -1.84 20.81
CA GLY D 274 19.11 -1.28 19.61
C GLY D 274 20.18 -0.96 18.60
N ILE D 275 21.38 -0.67 19.08
CA ILE D 275 22.48 -0.41 18.18
C ILE D 275 22.99 -1.71 17.55
N GLN D 276 22.86 -2.83 18.25
CA GLN D 276 23.18 -4.09 17.60
C GLN D 276 22.23 -4.27 16.41
N SER D 277 20.92 -4.17 16.68
CA SER D 277 19.91 -4.31 15.64
C SER D 277 20.26 -3.50 14.41
N LEU D 278 20.69 -2.27 14.62
CA LEU D 278 21.01 -1.40 13.52
C LEU D 278 22.16 -1.94 12.68
N LEU D 279 23.19 -2.41 13.37
CA LEU D 279 24.41 -2.90 12.75
C LEU D 279 24.11 -4.01 11.77
N ASN D 280 23.18 -4.89 12.14
CA ASN D 280 22.89 -6.08 11.36
C ASN D 280 21.75 -5.96 10.36
N ASP D 281 21.02 -4.85 10.39
CA ASP D 281 19.80 -4.72 9.59
C ASP D 281 20.08 -4.17 8.18
N SER D 282 19.25 -4.60 7.22
CA SER D 282 19.41 -4.24 5.82
C SER D 282 19.43 -2.73 5.63
N TYR D 283 18.62 -2.05 6.44
CA TYR D 283 18.44 -0.61 6.36
C TYR D 283 19.04 0.04 7.61
N GLY D 284 18.77 -0.56 8.76
CA GLY D 284 19.29 -0.08 10.03
C GLY D 284 20.73 0.35 9.99
N ASN D 285 21.55 -0.35 9.20
CA ASN D 285 22.96 -0.04 9.17
C ASN D 285 23.25 1.28 8.48
N TYR D 286 22.43 1.63 7.50
CA TYR D 286 22.63 2.90 6.80
C TYR D 286 22.39 4.03 7.77
N VAL D 287 21.39 3.83 8.62
CA VAL D 287 21.03 4.76 9.68
C VAL D 287 22.17 4.93 10.69
N LEU D 288 22.75 3.82 11.10
CA LEU D 288 23.89 3.86 12.00
C LEU D 288 25.06 4.58 11.32
N GLN D 289 25.27 4.34 10.04
CA GLN D 289 26.38 4.98 9.36
C GLN D 289 26.16 6.48 9.40
N THR D 290 24.90 6.89 9.21
CA THR D 290 24.62 8.31 9.08
C THR D 290 24.72 8.95 10.45
N ALA D 291 24.20 8.25 11.44
CA ALA D 291 24.24 8.73 12.82
C ALA D 291 25.67 8.95 13.22
N LEU D 292 26.56 8.05 12.82
CA LEU D 292 27.99 8.18 13.06
C LEU D 292 28.60 9.33 12.26
N ASP D 293 28.38 9.33 10.95
CA ASP D 293 28.87 10.43 10.12
C ASP D 293 28.49 11.78 10.70
N ILE D 294 27.19 11.96 10.99
CA ILE D 294 26.68 13.22 11.50
C ILE D 294 27.27 13.58 12.86
N SER D 295 27.09 12.71 13.85
CA SER D 295 27.57 13.01 15.19
C SER D 295 29.07 13.33 15.16
N HIS D 296 29.80 12.67 14.27
CA HIS D 296 31.20 13.00 14.04
C HIS D 296 31.36 14.48 13.71
N LYS D 297 30.70 14.94 12.65
CA LYS D 297 30.73 16.34 12.25
C LYS D 297 30.19 17.28 13.31
N GLN D 298 29.06 16.92 13.91
CA GLN D 298 28.28 17.84 14.74
C GLN D 298 28.63 17.88 16.24
N ASN D 299 29.04 16.75 16.81
CA ASN D 299 29.19 16.68 18.27
C ASN D 299 30.03 15.48 18.72
N ASP D 300 31.16 15.75 19.37
CA ASP D 300 32.09 14.68 19.72
C ASP D 300 31.60 13.77 20.84
N TYR D 301 31.00 14.34 21.88
CA TYR D 301 30.48 13.52 22.96
C TYR D 301 29.57 12.44 22.38
N LEU D 302 28.72 12.84 21.43
CA LEU D 302 27.80 11.91 20.79
C LEU D 302 28.55 10.90 19.94
N TYR D 303 29.44 11.40 19.09
CA TYR D 303 30.25 10.51 18.27
C TYR D 303 30.97 9.48 19.13
N LYS D 304 31.64 9.96 20.19
CA LYS D 304 32.35 9.07 21.10
C LYS D 304 31.43 8.02 21.74
N ARG D 305 30.33 8.46 22.36
CA ARG D 305 29.36 7.51 22.89
C ARG D 305 28.87 6.49 21.85
N LEU D 306 28.52 6.95 20.65
CA LEU D 306 28.24 6.02 19.54
C LEU D 306 29.43 5.09 19.34
N SER D 307 30.55 5.67 18.91
CA SER D 307 31.79 4.95 18.59
C SER D 307 32.14 3.82 19.55
N GLU D 308 31.95 4.04 20.84
CA GLU D 308 32.43 3.05 21.81
C GLU D 308 31.45 1.92 22.06
N ILE D 309 30.30 1.98 21.42
CA ILE D 309 29.37 0.85 21.50
C ILE D 309 29.51 0.01 20.25
N VAL D 310 29.71 0.67 19.12
CA VAL D 310 29.90 0.01 17.84
C VAL D 310 31.22 -0.80 17.81
N ALA D 311 32.31 -0.19 18.28
CA ALA D 311 33.63 -0.82 18.20
C ALA D 311 33.69 -2.26 18.76
N PRO D 312 33.09 -2.49 19.94
CA PRO D 312 32.99 -3.83 20.53
C PRO D 312 32.13 -4.79 19.71
N LEU D 313 31.11 -4.25 19.05
CA LEU D 313 30.18 -5.09 18.31
C LEU D 313 30.70 -5.42 16.92
N LEU D 314 31.71 -4.69 16.47
CA LEU D 314 32.31 -4.91 15.15
C LEU D 314 33.31 -6.05 15.20
N VAL D 315 32.81 -7.22 15.56
CA VAL D 315 33.66 -8.36 15.85
C VAL D 315 32.99 -9.61 15.29
N GLY D 316 33.76 -10.42 14.56
CA GLY D 316 33.19 -11.59 13.91
C GLY D 316 32.97 -11.40 12.42
N PRO D 317 32.10 -12.23 11.83
CA PRO D 317 31.76 -12.21 10.40
C PRO D 317 31.33 -10.84 9.89
N ILE D 318 30.80 -10.00 10.77
CA ILE D 318 30.31 -8.70 10.33
C ILE D 318 31.44 -7.90 9.69
N ARG D 319 32.66 -8.10 10.19
CA ARG D 319 33.80 -7.33 9.71
C ARG D 319 34.05 -7.52 8.22
N ASN D 320 33.54 -8.61 7.66
CA ASN D 320 33.80 -8.93 6.25
C ASN D 320 32.67 -8.52 5.31
N THR D 321 31.57 -8.06 5.88
CA THR D 321 30.39 -7.71 5.10
C THR D 321 30.55 -6.36 4.42
N PRO D 322 29.69 -6.06 3.44
CA PRO D 322 29.87 -4.80 2.70
C PRO D 322 29.66 -3.63 3.65
N HIS D 323 28.62 -3.75 4.47
CA HIS D 323 28.25 -2.69 5.40
C HIS D 323 29.17 -2.65 6.60
N GLY D 324 29.69 -3.81 6.98
CA GLY D 324 30.63 -3.88 8.08
C GLY D 324 31.89 -3.08 7.81
N LYS D 325 32.42 -3.23 6.59
CA LYS D 325 33.59 -2.48 6.20
C LYS D 325 33.28 -0.99 6.19
N ARG D 326 32.07 -0.65 5.79
CA ARG D 326 31.67 0.74 5.62
C ARG D 326 31.50 1.44 6.96
N ILE D 327 31.20 0.67 8.00
CA ILE D 327 31.03 1.21 9.35
C ILE D 327 32.35 1.21 10.11
N ILE D 328 33.15 0.17 9.87
CA ILE D 328 34.49 0.11 10.41
C ILE D 328 35.26 1.36 10.03
N GLY D 329 35.04 1.84 8.80
CA GLY D 329 35.74 2.99 8.28
C GLY D 329 35.26 4.30 8.88
N MET D 330 34.25 4.22 9.73
CA MET D 330 33.67 5.42 10.32
C MET D 330 33.95 5.55 11.79
N LEU D 331 34.94 4.80 12.29
CA LEU D 331 35.22 4.80 13.71
C LEU D 331 36.46 5.61 14.11
#